data_1MB9
#
_entry.id   1MB9
#
_cell.length_a   61.252
_cell.length_b   97.571
_cell.length_c   81.313
_cell.angle_alpha   90.00
_cell.angle_beta   90.69
_cell.angle_gamma   90.00
#
_symmetry.space_group_name_H-M   'P 1 21 1'
#
loop_
_entity.id
_entity.type
_entity.pdbx_description
1 polymer 'BETA-LACTAM SYNTHETASE'
2 non-polymer 'MAGNESIUM ION'
3 non-polymer 'PYROPHOSPHATE 2-'
4 non-polymer 'ADENOSINE MONOPHOSPHATE'
5 non-polymer "ADENOSINE-5'-TRIPHOSPHATE"
6 water water
#
_entity_poly.entity_id   1
_entity_poly.type   'polypeptide(L)'
_entity_poly.pdbx_seq_one_letter_code
;MGAPVLPAAFGFLASARTGGGRAPGPVFATRGSHTDIDTPQGERSLAATLVHAPSVAPDRAVARSLTGAPTTAVLAGEIY
NRDELLSVLPAGPAPEGDAELVLRLLERYDLHAFRLVNGRFATVVRTGDRVLLATDHAGSVPLYTCVAPGEVRASTEAKA
LAAHRDPKGFPLADARRVAGLTGVYQVPAGAVMDIDLGSGTAVTHRTWTPGLSRRILPEGEAVAAVRAALEKAVAQRVTP
GDTPLVVLSGGIDSSGVAACAHRAAGELDTVSMGTDTSNEFREARAVVDHLRTRHREITIPTTELLAQLPYAVWASESVD
PDIIEYLLPLTALYRALDGPERRILTGYGADIPLGGMHREDRLPALDTVLAHDMATFDGLNEMSPVLSTLAGHWTTHPYW
DREVLDLLVSLEAGLKRRHGRDKWVLRAAMADALPAETVNRPKLGVHEGSGTTSSFSRLLLDHGVAEDRVHEAKRQVVRE
LFDLTVGGGRHPSEVDTDDVVRSVADRTARGAA
;
_entity_poly.pdbx_strand_id   A,B
#
loop_
_chem_comp.id
_chem_comp.type
_chem_comp.name
_chem_comp.formula
AMP non-polymer 'ADENOSINE MONOPHOSPHATE' 'C10 H14 N5 O7 P'
ATP non-polymer ADENOSINE-5'-TRIPHOSPHATE 'C10 H16 N5 O13 P3'
MG non-polymer 'MAGNESIUM ION' 'Mg 2'
POP non-polymer 'PYROPHOSPHATE 2-' 'H2 O7 P2 -2'
#
# COMPACT_ATOMS: atom_id res chain seq x y z
N PRO A 4 4.82 34.82 5.73
CA PRO A 4 4.52 33.50 5.14
C PRO A 4 5.26 32.41 5.91
N VAL A 5 5.76 32.77 7.08
CA VAL A 5 6.52 31.85 7.91
C VAL A 5 5.65 30.80 8.61
N LEU A 6 4.44 31.19 9.01
CA LEU A 6 3.54 30.29 9.72
C LEU A 6 2.27 30.01 8.93
N PRO A 7 1.66 28.84 9.16
CA PRO A 7 0.42 28.44 8.48
C PRO A 7 -0.64 29.48 8.71
N ALA A 8 -1.59 29.59 7.78
CA ALA A 8 -2.69 30.54 7.89
C ALA A 8 -3.48 30.29 9.16
N ALA A 9 -3.49 29.02 9.59
CA ALA A 9 -4.20 28.63 10.81
C ALA A 9 -3.51 27.41 11.43
N PHE A 10 -3.58 27.29 12.76
CA PHE A 10 -2.97 26.14 13.44
C PHE A 10 -3.99 25.04 13.66
N GLY A 11 -5.24 25.44 13.93
CA GLY A 11 -6.30 24.46 14.16
C GLY A 11 -7.68 25.10 14.07
N PHE A 12 -8.71 24.40 14.55
CA PHE A 12 -10.07 24.94 14.48
C PHE A 12 -11.15 24.09 15.17
N LEU A 13 -12.32 24.68 15.33
CA LEU A 13 -13.52 24.02 15.87
C LEU A 13 -14.56 24.47 14.86
N ALA A 14 -15.12 23.53 14.11
CA ALA A 14 -16.12 23.89 13.10
C ALA A 14 -17.41 23.14 13.34
N SER A 15 -18.51 23.69 12.84
CA SER A 15 -19.81 23.06 13.03
C SER A 15 -20.66 23.17 11.76
N ALA A 16 -21.20 22.04 11.33
CA ALA A 16 -22.05 22.01 10.13
C ALA A 16 -23.44 21.62 10.59
N ARG A 17 -24.39 22.53 10.42
CA ARG A 17 -25.77 22.29 10.82
C ARG A 17 -26.73 22.33 9.62
N THR A 18 -27.43 21.22 9.40
CA THR A 18 -28.37 21.14 8.30
C THR A 18 -29.56 22.02 8.68
N GLY A 19 -29.66 22.31 9.98
CA GLY A 19 -30.74 23.13 10.50
C GLY A 19 -30.25 24.10 11.56
N ALA A 23 -23.11 27.57 18.80
CA ALA A 23 -22.04 26.80 19.50
C ALA A 23 -21.24 27.69 20.43
N PRO A 24 -20.79 27.16 21.58
CA PRO A 24 -19.99 27.94 22.53
C PRO A 24 -18.55 28.10 22.08
N GLY A 25 -17.90 29.15 22.57
CA GLY A 25 -16.52 29.42 22.21
C GLY A 25 -15.58 28.31 22.64
N PRO A 26 -14.61 27.94 21.77
CA PRO A 26 -13.66 26.89 22.10
C PRO A 26 -12.47 27.35 22.94
N VAL A 27 -11.89 26.39 23.65
CA VAL A 27 -10.71 26.64 24.48
C VAL A 27 -9.70 25.63 23.98
N PHE A 28 -8.67 26.10 23.29
CA PHE A 28 -7.65 25.20 22.75
C PHE A 28 -6.40 25.21 23.60
N ALA A 29 -5.49 24.27 23.30
CA ALA A 29 -4.22 24.17 23.98
C ALA A 29 -3.28 24.98 23.09
N THR A 30 -3.66 25.09 21.82
CA THR A 30 -2.90 25.86 20.84
C THR A 30 -2.99 27.32 21.25
N ARG A 31 -1.85 28.01 21.22
CA ARG A 31 -1.78 29.42 21.59
C ARG A 31 -1.91 30.34 20.38
N GLY A 32 -2.79 31.33 20.48
CA GLY A 32 -2.94 32.25 19.36
C GLY A 32 -4.28 32.99 19.33
N SER A 33 -4.51 33.71 18.25
CA SER A 33 -5.73 34.47 18.07
C SER A 33 -6.85 33.55 17.61
N HIS A 34 -8.08 33.90 17.94
CA HIS A 34 -9.23 33.12 17.51
C HIS A 34 -10.00 34.02 16.55
N THR A 35 -10.40 33.47 15.41
CA THR A 35 -11.14 34.27 14.45
C THR A 35 -12.31 33.48 13.89
N ASP A 36 -13.53 33.97 14.12
CA ASP A 36 -14.73 33.31 13.62
C ASP A 36 -14.93 33.72 12.17
N ILE A 37 -15.16 32.74 11.29
CA ILE A 37 -15.37 33.05 9.88
C ILE A 37 -16.82 33.46 9.66
N ASP A 38 -17.06 34.23 8.60
CA ASP A 38 -18.40 34.68 8.28
C ASP A 38 -19.30 33.48 8.00
N THR A 39 -20.60 33.67 8.20
CA THR A 39 -21.55 32.61 7.94
C THR A 39 -22.63 33.15 7.02
N PRO A 40 -22.31 33.30 5.72
CA PRO A 40 -23.24 33.81 4.71
C PRO A 40 -24.53 32.99 4.56
N GLN A 41 -24.43 31.65 4.60
CA GLN A 41 -25.62 30.81 4.48
C GLN A 41 -26.29 30.62 5.85
N GLY A 42 -25.97 31.51 6.78
CA GLY A 42 -26.55 31.43 8.11
C GLY A 42 -26.42 30.08 8.80
N GLU A 43 -27.54 29.54 9.25
CA GLU A 43 -27.57 28.26 9.95
C GLU A 43 -27.35 27.10 8.99
N ARG A 44 -27.31 27.40 7.69
CA ARG A 44 -27.13 26.37 6.67
C ARG A 44 -25.75 26.45 6.03
N SER A 45 -24.75 26.86 6.81
CA SER A 45 -23.39 26.99 6.29
C SER A 45 -22.39 26.27 7.20
N LEU A 46 -21.11 26.61 7.03
CA LEU A 46 -20.08 26.02 7.88
C LEU A 46 -19.59 27.09 8.85
N ALA A 47 -19.90 26.92 10.13
CA ALA A 47 -19.48 27.87 11.16
C ALA A 47 -18.14 27.36 11.68
N ALA A 48 -17.22 28.28 11.99
CA ALA A 48 -15.92 27.82 12.46
C ALA A 48 -15.10 28.87 13.16
N THR A 49 -14.31 28.42 14.13
CA THR A 49 -13.43 29.31 14.87
C THR A 49 -11.99 28.84 14.64
N LEU A 50 -11.23 29.64 13.90
CA LEU A 50 -9.85 29.31 13.60
C LEU A 50 -8.93 29.83 14.68
N VAL A 51 -7.90 29.06 15.03
CA VAL A 51 -6.91 29.50 16.01
C VAL A 51 -5.62 29.58 15.21
N HIS A 52 -4.97 30.73 15.27
CA HIS A 52 -3.77 31.00 14.50
C HIS A 52 -2.85 31.98 15.22
N ALA A 53 -1.70 32.27 14.61
CA ALA A 53 -0.76 33.21 15.19
C ALA A 53 -1.32 34.62 15.03
N PRO A 54 -1.13 35.49 16.05
CA PRO A 54 -1.64 36.87 15.97
C PRO A 54 -1.04 37.66 14.81
N SER A 55 0.12 37.21 14.34
CA SER A 55 0.82 37.87 13.23
C SER A 55 0.31 37.42 11.85
N VAL A 56 -0.63 36.48 11.83
CA VAL A 56 -1.15 35.98 10.56
C VAL A 56 -2.65 36.16 10.36
N ALA A 57 -3.04 36.66 9.19
CA ALA A 57 -4.45 36.81 8.88
C ALA A 57 -4.82 35.41 8.45
N PRO A 58 -5.89 34.84 9.03
CA PRO A 58 -6.31 33.48 8.69
C PRO A 58 -7.03 33.30 7.35
N ASP A 59 -6.96 34.30 6.48
CA ASP A 59 -7.65 34.25 5.19
C ASP A 59 -7.36 33.05 4.29
N ARG A 60 -6.09 32.69 4.17
CA ARG A 60 -5.72 31.57 3.33
C ARG A 60 -6.16 30.23 3.93
N ALA A 61 -6.65 30.26 5.17
CA ALA A 61 -7.10 29.04 5.82
C ALA A 61 -8.56 28.76 5.49
N VAL A 62 -9.22 29.73 4.85
CA VAL A 62 -10.63 29.58 4.49
C VAL A 62 -10.87 29.84 3.01
N ALA A 63 -11.74 29.05 2.40
CA ALA A 63 -12.07 29.23 1.00
C ALA A 63 -13.54 28.90 0.77
N ARG A 64 -14.14 29.60 -0.18
CA ARG A 64 -15.54 29.38 -0.50
C ARG A 64 -15.69 29.26 -2.01
N SER A 65 -16.77 28.63 -2.44
CA SER A 65 -17.06 28.49 -3.86
C SER A 65 -18.54 28.15 -3.99
N LEU A 66 -19.00 28.08 -5.22
CA LEU A 66 -20.39 27.76 -5.50
C LEU A 66 -20.42 26.54 -6.42
N THR A 67 -19.27 25.92 -6.64
CA THR A 67 -19.18 24.76 -7.50
C THR A 67 -19.79 23.54 -6.83
N GLY A 68 -20.82 23.00 -7.45
CA GLY A 68 -21.52 21.85 -6.92
C GLY A 68 -22.73 22.33 -6.09
N ALA A 69 -22.38 23.29 -5.26
CA ALA A 69 -23.25 23.76 -4.17
C ALA A 69 -22.57 24.96 -3.47
N PRO A 70 -23.45 25.55 -2.51
CA PRO A 70 -22.59 26.47 -1.65
C PRO A 70 -21.54 25.68 -0.87
N THR A 71 -20.26 26.10 -0.99
CA THR A 71 -19.17 25.37 -0.36
C THR A 71 -18.19 26.23 0.41
N THR A 72 -17.80 25.75 1.60
CA THR A 72 -16.85 26.41 2.48
C THR A 72 -15.80 25.40 2.97
N ALA A 73 -14.53 25.75 2.80
CA ALA A 73 -13.45 24.89 3.25
C ALA A 73 -12.61 25.58 4.32
N VAL A 74 -12.17 24.80 5.31
CA VAL A 74 -11.32 25.32 6.37
C VAL A 74 -10.17 24.34 6.50
N LEU A 75 -8.95 24.85 6.49
CA LEU A 75 -7.76 23.99 6.59
C LEU A 75 -6.76 24.47 7.62
N ALA A 76 -6.30 23.54 8.45
CA ALA A 76 -5.31 23.84 9.48
C ALA A 76 -4.02 23.23 8.97
N GLY A 77 -2.95 24.01 8.99
CA GLY A 77 -1.69 23.47 8.51
C GLY A 77 -1.30 23.97 7.14
N GLU A 78 -0.54 23.18 6.42
CA GLU A 78 -0.06 23.58 5.11
C GLU A 78 0.13 22.38 4.19
N ILE A 79 0.35 22.67 2.92
CA ILE A 79 0.55 21.64 1.89
C ILE A 79 1.95 21.86 1.33
N TYR A 80 2.68 20.77 1.07
CA TYR A 80 4.06 20.91 0.57
C TYR A 80 4.25 20.71 -0.93
N ASN A 81 3.51 19.79 -1.54
CA ASN A 81 3.67 19.57 -2.98
C ASN A 81 2.73 20.48 -3.76
N ARG A 82 2.78 21.77 -3.45
CA ARG A 82 1.94 22.78 -4.09
C ARG A 82 2.13 22.92 -5.60
N ASP A 83 3.39 23.03 -6.06
CA ASP A 83 3.64 23.17 -7.49
C ASP A 83 3.02 22.01 -8.23
N GLU A 84 3.23 20.80 -7.71
CA GLU A 84 2.68 19.61 -8.35
C GLU A 84 1.15 19.63 -8.42
N LEU A 85 0.49 20.04 -7.33
CA LEU A 85 -0.97 20.08 -7.32
C LEU A 85 -1.51 21.15 -8.27
N LEU A 86 -0.77 22.25 -8.40
CA LEU A 86 -1.18 23.33 -9.27
C LEU A 86 -1.07 22.86 -10.71
N SER A 87 -0.08 22.01 -10.98
CA SER A 87 0.16 21.50 -12.31
C SER A 87 -0.97 20.66 -12.90
N VAL A 88 -1.84 20.14 -12.05
CA VAL A 88 -2.95 19.31 -12.55
C VAL A 88 -4.26 20.08 -12.66
N LEU A 89 -4.26 21.32 -12.20
CA LEU A 89 -5.46 22.13 -12.26
C LEU A 89 -5.67 22.77 -13.63
N PRO A 90 -6.93 22.99 -13.96
CA PRO A 90 -7.46 23.57 -15.19
C PRO A 90 -7.43 25.13 -14.84
N ALA A 91 -7.28 25.77 -15.92
CA ALA A 91 -6.49 26.92 -16.16
C ALA A 91 -6.85 28.30 -15.77
N GLY A 92 -6.11 28.95 -14.95
CA GLY A 92 -5.10 29.96 -14.81
C GLY A 92 -5.19 30.61 -13.55
N PRO A 93 -6.41 31.00 -13.09
CA PRO A 93 -6.42 31.74 -11.82
C PRO A 93 -6.01 30.85 -10.64
N ALA A 94 -4.74 30.90 -10.27
CA ALA A 94 -4.21 30.09 -9.18
C ALA A 94 -4.89 30.36 -7.85
N PRO A 95 -4.98 29.35 -6.96
CA PRO A 95 -5.62 29.50 -5.65
C PRO A 95 -4.81 30.45 -4.78
N GLU A 96 -5.47 31.15 -3.86
CA GLU A 96 -4.78 32.09 -2.98
C GLU A 96 -4.10 31.38 -1.81
N GLY A 97 -4.72 30.32 -1.33
CA GLY A 97 -4.13 29.59 -0.22
C GLY A 97 -4.29 28.09 -0.35
N ASP A 98 -3.97 27.36 0.71
CA ASP A 98 -4.08 25.91 0.68
C ASP A 98 -5.52 25.43 0.72
N ALA A 99 -6.39 26.19 1.39
CA ALA A 99 -7.80 25.82 1.46
C ALA A 99 -8.47 25.99 0.10
N GLU A 100 -8.06 27.01 -0.66
CA GLU A 100 -8.64 27.23 -1.98
C GLU A 100 -8.09 26.21 -2.98
N LEU A 101 -6.84 25.82 -2.78
CA LEU A 101 -6.19 24.82 -3.63
C LEU A 101 -6.95 23.50 -3.44
N VAL A 102 -7.23 23.17 -2.18
CA VAL A 102 -7.96 21.96 -1.87
C VAL A 102 -9.30 22.00 -2.60
N LEU A 103 -9.99 23.15 -2.51
CA LEU A 103 -11.27 23.33 -3.17
C LEU A 103 -11.14 23.13 -4.68
N ARG A 104 -10.06 23.61 -5.27
CA ARG A 104 -9.89 23.43 -6.70
C ARG A 104 -9.70 21.93 -6.99
N LEU A 105 -8.86 21.28 -6.19
CA LEU A 105 -8.60 19.86 -6.35
C LEU A 105 -9.88 19.03 -6.20
N LEU A 106 -10.74 19.42 -5.27
CA LEU A 106 -12.00 18.70 -5.04
C LEU A 106 -12.92 18.79 -6.26
N GLU A 107 -12.92 19.93 -6.92
CA GLU A 107 -13.75 20.12 -8.10
C GLU A 107 -13.32 19.21 -9.25
N ARG A 108 -12.07 18.73 -9.22
CA ARG A 108 -11.58 17.86 -10.29
C ARG A 108 -11.58 16.38 -9.93
N TYR A 109 -11.16 16.06 -8.71
CA TYR A 109 -11.05 14.68 -8.27
C TYR A 109 -12.04 14.28 -7.16
N ASP A 110 -12.84 15.23 -6.67
CA ASP A 110 -13.75 14.97 -5.55
C ASP A 110 -12.89 14.51 -4.36
N LEU A 111 -13.42 13.68 -3.47
CA LEU A 111 -12.64 13.26 -2.31
C LEU A 111 -11.31 12.58 -2.64
N HIS A 112 -11.14 12.16 -3.89
CA HIS A 112 -9.89 11.51 -4.27
C HIS A 112 -8.77 12.54 -4.37
N ALA A 113 -9.13 13.81 -4.16
CA ALA A 113 -8.15 14.87 -4.22
C ALA A 113 -7.12 14.60 -3.15
N PHE A 114 -7.59 14.07 -2.02
CA PHE A 114 -6.69 13.81 -0.90
C PHE A 114 -5.66 12.72 -1.09
N ARG A 115 -5.82 11.92 -2.14
CA ARG A 115 -4.85 10.88 -2.44
C ARG A 115 -3.63 11.56 -3.06
N LEU A 116 -3.83 12.80 -3.50
CA LEU A 116 -2.77 13.58 -4.14
C LEU A 116 -1.92 14.46 -3.25
N VAL A 117 -2.49 14.89 -2.11
CA VAL A 117 -1.81 15.82 -1.22
C VAL A 117 -0.72 15.34 -0.27
N ASN A 118 0.45 15.98 -0.38
CA ASN A 118 1.56 15.70 0.52
C ASN A 118 1.69 16.92 1.42
N GLY A 119 1.15 16.84 2.63
CA GLY A 119 1.25 17.98 3.52
C GLY A 119 1.21 17.69 5.00
N ARG A 120 0.90 18.72 5.76
CA ARG A 120 0.79 18.65 7.21
C ARG A 120 -0.46 19.47 7.46
N PHE A 121 -1.62 18.81 7.38
CA PHE A 121 -2.87 19.53 7.52
C PHE A 121 -4.03 18.67 8.03
N ALA A 122 -5.14 19.36 8.27
CA ALA A 122 -6.40 18.76 8.68
C ALA A 122 -7.40 19.74 8.10
N THR A 123 -8.44 19.25 7.46
CA THR A 123 -9.40 20.18 6.88
C THR A 123 -10.81 19.65 6.91
N VAL A 124 -11.74 20.59 7.02
CA VAL A 124 -13.16 20.26 7.04
C VAL A 124 -13.81 21.09 5.96
N VAL A 125 -14.63 20.46 5.15
CA VAL A 125 -15.29 21.20 4.10
C VAL A 125 -16.74 20.77 4.03
N ARG A 126 -17.61 21.76 3.87
CA ARG A 126 -19.02 21.47 3.75
C ARG A 126 -19.43 21.93 2.37
N THR A 127 -20.11 21.06 1.65
CA THR A 127 -20.60 21.43 0.34
C THR A 127 -22.04 20.93 0.36
N GLY A 128 -23.00 21.86 0.36
CA GLY A 128 -24.39 21.45 0.42
C GLY A 128 -24.63 20.83 1.79
N ASP A 129 -25.22 19.65 1.84
CA ASP A 129 -25.46 18.95 3.10
C ASP A 129 -24.47 17.78 3.20
N ARG A 130 -23.32 17.94 2.55
CA ARG A 130 -22.30 16.91 2.58
C ARG A 130 -21.12 17.51 3.32
N VAL A 131 -20.47 16.71 4.16
CA VAL A 131 -19.32 17.18 4.92
C VAL A 131 -18.15 16.21 4.80
N LEU A 132 -16.98 16.73 4.40
CA LEU A 132 -15.77 15.93 4.24
C LEU A 132 -14.76 16.29 5.33
N LEU A 133 -14.15 15.27 5.93
CA LEU A 133 -13.16 15.45 6.98
C LEU A 133 -11.92 14.70 6.53
N ALA A 134 -10.81 15.41 6.32
CA ALA A 134 -9.59 14.73 5.87
C ALA A 134 -8.33 15.07 6.66
N THR A 135 -7.43 14.09 6.73
CA THR A 135 -6.15 14.23 7.43
C THR A 135 -5.05 14.05 6.39
N ASP A 136 -3.82 14.40 6.74
CA ASP A 136 -2.71 14.21 5.81
C ASP A 136 -2.38 12.71 5.86
N HIS A 137 -1.44 12.27 5.01
CA HIS A 137 -1.11 10.84 4.95
C HIS A 137 -0.79 10.13 6.27
N ALA A 138 -0.19 10.85 7.21
CA ALA A 138 0.15 10.27 8.50
C ALA A 138 -0.71 10.80 9.63
N GLY A 139 -1.72 11.60 9.30
CA GLY A 139 -2.55 12.18 10.34
C GLY A 139 -1.67 12.90 11.34
N SER A 140 -0.65 13.62 10.83
CA SER A 140 0.28 14.35 11.68
C SER A 140 -0.37 15.52 12.40
N VAL A 141 -1.51 15.97 11.88
CA VAL A 141 -2.29 17.06 12.49
C VAL A 141 -3.61 16.39 12.88
N PRO A 142 -3.77 16.04 14.16
CA PRO A 142 -5.00 15.39 14.60
C PRO A 142 -6.28 16.15 14.30
N LEU A 143 -7.31 15.38 13.98
CA LEU A 143 -8.62 15.91 13.67
C LEU A 143 -9.63 15.01 14.39
N TYR A 144 -10.55 15.62 15.12
CA TYR A 144 -11.56 14.87 15.86
C TYR A 144 -12.96 15.30 15.43
N THR A 145 -13.95 14.49 15.74
CA THR A 145 -15.31 14.83 15.33
C THR A 145 -16.43 14.17 16.15
N CYS A 146 -17.58 14.82 16.10
CA CYS A 146 -18.80 14.36 16.76
C CYS A 146 -19.82 14.44 15.63
N VAL A 147 -20.49 13.32 15.36
CA VAL A 147 -21.48 13.29 14.27
C VAL A 147 -22.83 12.78 14.71
N ALA A 148 -23.88 13.48 14.29
CA ALA A 148 -25.24 13.08 14.61
C ALA A 148 -26.13 13.52 13.46
N PRO A 149 -27.32 12.89 13.32
CA PRO A 149 -28.19 13.29 12.22
C PRO A 149 -28.46 14.79 12.31
N GLY A 150 -27.97 15.55 11.33
CA GLY A 150 -28.19 16.99 11.33
C GLY A 150 -27.01 17.86 11.75
N GLU A 151 -26.08 17.31 12.51
CA GLU A 151 -24.92 18.10 12.94
C GLU A 151 -23.61 17.35 12.96
N VAL A 152 -22.56 18.06 12.58
CA VAL A 152 -21.23 17.53 12.58
C VAL A 152 -20.35 18.62 13.15
N ARG A 153 -19.57 18.28 14.17
CA ARG A 153 -18.65 19.22 14.77
C ARG A 153 -17.30 18.60 14.50
N ALA A 154 -16.31 19.41 14.14
CA ALA A 154 -14.98 18.90 13.86
C ALA A 154 -13.96 19.82 14.52
N SER A 155 -12.90 19.26 15.08
CA SER A 155 -11.91 20.08 15.73
C SER A 155 -10.52 19.45 15.70
N THR A 156 -9.51 20.31 15.70
CA THR A 156 -8.13 19.83 15.69
C THR A 156 -7.71 19.43 17.10
N GLU A 157 -8.63 19.61 18.05
CA GLU A 157 -8.41 19.26 19.45
C GLU A 157 -9.66 18.61 20.04
N ALA A 158 -9.52 17.40 20.55
CA ALA A 158 -10.63 16.67 21.14
C ALA A 158 -11.22 17.40 22.36
N LYS A 159 -10.37 18.13 23.07
CA LYS A 159 -10.81 18.86 24.25
C LYS A 159 -11.91 19.87 23.91
N ALA A 160 -11.89 20.39 22.67
CA ALA A 160 -12.89 21.35 22.25
C ALA A 160 -14.27 20.71 22.03
N LEU A 161 -14.31 19.39 21.99
CA LEU A 161 -15.57 18.66 21.82
C LEU A 161 -15.96 17.95 23.11
N ALA A 162 -15.05 17.93 24.07
CA ALA A 162 -15.26 17.26 25.35
C ALA A 162 -16.59 17.62 26.03
N ALA A 163 -17.08 18.83 25.78
CA ALA A 163 -18.35 19.27 26.37
C ALA A 163 -19.55 18.71 25.62
N PHE A 170 -23.34 9.84 18.59
CA PHE A 170 -23.52 8.74 17.60
C PHE A 170 -22.17 8.01 17.28
N PRO A 171 -22.33 6.57 17.34
CA PRO A 171 -21.06 5.84 16.93
C PRO A 171 -20.74 6.00 15.45
N LEU A 172 -19.48 5.79 15.12
CA LEU A 172 -18.81 6.02 13.87
C LEU A 172 -17.74 4.94 13.62
N ALA A 173 -18.12 3.88 12.96
CA ALA A 173 -17.18 2.81 12.68
C ALA A 173 -16.18 3.41 11.69
N ASP A 174 -14.98 2.82 11.61
CA ASP A 174 -13.92 3.30 10.71
C ASP A 174 -13.14 4.43 11.37
N ALA A 175 -13.62 4.85 12.54
CA ALA A 175 -12.97 5.92 13.31
C ALA A 175 -12.86 5.40 14.74
N ARG A 176 -11.81 5.81 15.46
CA ARG A 176 -11.59 5.36 16.82
C ARG A 176 -12.03 6.36 17.90
N ARG A 177 -12.74 5.85 18.91
CA ARG A 177 -13.21 6.67 20.02
C ARG A 177 -12.03 7.21 20.81
N VAL A 178 -12.14 8.44 21.29
CA VAL A 178 -11.09 9.04 22.09
C VAL A 178 -11.29 8.63 23.56
N ALA A 179 -10.29 7.96 24.12
CA ALA A 179 -10.34 7.51 25.50
C ALA A 179 -10.85 8.59 26.45
N GLY A 180 -11.68 8.18 27.41
CA GLY A 180 -12.21 9.13 28.38
C GLY A 180 -13.41 9.92 27.88
N LEU A 181 -13.30 10.45 26.66
CA LEU A 181 -14.38 11.23 26.08
C LEU A 181 -15.55 10.33 25.69
N THR A 182 -16.68 10.96 25.37
CA THR A 182 -17.87 10.24 24.97
C THR A 182 -18.43 10.78 23.66
N GLY A 183 -18.53 9.91 22.66
CA GLY A 183 -19.06 10.33 21.38
C GLY A 183 -18.07 11.14 20.55
N VAL A 184 -16.82 11.22 20.99
CA VAL A 184 -15.81 11.96 20.24
C VAL A 184 -14.91 10.95 19.54
N TYR A 185 -14.73 11.14 18.24
CA TYR A 185 -13.91 10.24 17.46
C TYR A 185 -12.75 10.93 16.78
N GLN A 186 -11.65 10.20 16.61
CA GLN A 186 -10.49 10.74 15.94
C GLN A 186 -10.51 10.21 14.52
N VAL A 187 -10.40 11.11 13.55
CA VAL A 187 -10.38 10.73 12.14
C VAL A 187 -9.07 10.00 11.87
N PRO A 188 -9.13 8.82 11.24
CA PRO A 188 -7.91 8.07 10.95
C PRO A 188 -6.91 8.84 10.09
N ALA A 189 -5.64 8.46 10.17
CA ALA A 189 -4.59 9.08 9.39
C ALA A 189 -4.77 8.67 7.93
N GLY A 190 -4.34 9.54 7.01
CA GLY A 190 -4.46 9.24 5.59
C GLY A 190 -5.86 8.76 5.24
N ALA A 191 -6.85 9.60 5.51
CA ALA A 191 -8.21 9.20 5.25
C ALA A 191 -9.11 10.39 5.02
N VAL A 192 -10.25 10.15 4.39
CA VAL A 192 -11.23 11.19 4.19
C VAL A 192 -12.60 10.59 4.49
N MET A 193 -13.34 11.22 5.41
CA MET A 193 -14.67 10.78 5.77
C MET A 193 -15.70 11.60 5.03
N ASP A 194 -16.60 10.90 4.35
CA ASP A 194 -17.65 11.52 3.56
C ASP A 194 -18.94 11.32 4.35
N ILE A 195 -19.45 12.41 4.91
CA ILE A 195 -20.65 12.38 5.74
C ILE A 195 -21.87 13.08 5.16
N ASP A 196 -22.99 12.37 5.11
CA ASP A 196 -24.24 12.95 4.64
C ASP A 196 -24.86 13.56 5.89
N LEU A 197 -24.88 14.88 5.94
CA LEU A 197 -25.39 15.64 7.07
C LEU A 197 -26.83 15.30 7.46
N GLY A 198 -27.66 15.03 6.46
CA GLY A 198 -29.05 14.72 6.72
C GLY A 198 -29.32 13.43 7.49
N SER A 199 -28.48 12.44 7.31
CA SER A 199 -28.66 11.15 7.99
C SER A 199 -27.59 10.84 9.01
N GLY A 200 -26.47 11.56 8.92
CA GLY A 200 -25.37 11.33 9.85
C GLY A 200 -24.59 10.09 9.47
N THR A 201 -24.81 9.60 8.25
CA THR A 201 -24.12 8.42 7.79
C THR A 201 -22.78 8.84 7.18
N ALA A 202 -21.75 8.04 7.44
CA ALA A 202 -20.42 8.34 6.94
C ALA A 202 -19.79 7.13 6.27
N VAL A 203 -18.96 7.42 5.27
CA VAL A 203 -18.23 6.41 4.53
C VAL A 203 -16.80 6.96 4.56
N THR A 204 -15.87 6.14 5.03
CA THR A 204 -14.48 6.57 5.12
C THR A 204 -13.59 5.93 4.07
N HIS A 205 -12.74 6.73 3.45
CA HIS A 205 -11.84 6.24 2.43
C HIS A 205 -10.39 6.48 2.87
N ARG A 206 -9.54 5.47 2.75
CA ARG A 206 -8.13 5.64 3.09
C ARG A 206 -7.45 6.16 1.82
N THR A 207 -6.60 7.17 1.99
CA THR A 207 -5.93 7.80 0.87
C THR A 207 -4.43 7.54 0.83
N TRP A 208 -3.97 6.69 1.74
CA TRP A 208 -2.57 6.35 1.80
C TRP A 208 -2.40 5.20 2.77
N THR A 209 -1.44 4.33 2.48
CA THR A 209 -1.16 3.22 3.39
C THR A 209 0.30 2.85 3.24
N PRO A 210 0.96 2.47 4.34
CA PRO A 210 2.38 2.11 4.26
C PRO A 210 2.64 1.00 3.24
N GLY A 211 3.74 1.12 2.50
CA GLY A 211 4.08 0.08 1.54
C GLY A 211 4.51 -1.13 2.33
N LEU A 212 4.22 -2.33 1.80
CA LEU A 212 4.55 -3.59 2.48
C LEU A 212 5.66 -4.32 1.71
N SER A 213 5.80 -3.96 0.45
CA SER A 213 6.82 -4.52 -0.42
C SER A 213 8.11 -3.72 -0.20
N ARG A 214 9.26 -4.26 -0.62
CA ARG A 214 10.54 -3.58 -0.44
C ARG A 214 11.28 -3.43 -1.77
N ARG A 215 12.02 -2.33 -1.89
CA ARG A 215 12.76 -1.98 -3.10
C ARG A 215 14.24 -2.32 -3.04
N ILE A 216 14.80 -2.73 -4.17
CA ILE A 216 16.22 -3.06 -4.26
C ILE A 216 16.93 -2.00 -5.10
N LEU A 217 18.02 -1.45 -4.57
CA LEU A 217 18.81 -0.45 -5.28
C LEU A 217 20.27 -0.52 -4.84
N PRO A 218 21.22 -0.29 -5.77
CA PRO A 218 22.62 -0.37 -5.35
C PRO A 218 22.87 0.83 -4.41
N GLU A 219 23.92 0.76 -3.59
CA GLU A 219 24.21 1.83 -2.64
C GLU A 219 24.17 3.21 -3.26
N GLY A 220 24.95 3.39 -4.31
CA GLY A 220 25.03 4.67 -4.99
C GLY A 220 23.68 5.32 -5.25
N GLU A 221 22.80 4.63 -5.96
CA GLU A 221 21.49 5.16 -6.28
C GLU A 221 20.61 5.32 -5.04
N ALA A 222 20.73 4.39 -4.10
CA ALA A 222 19.95 4.44 -2.86
C ALA A 222 20.34 5.67 -2.06
N VAL A 223 21.66 5.92 -1.97
CA VAL A 223 22.17 7.06 -1.22
C VAL A 223 21.79 8.39 -1.87
N ALA A 224 21.80 8.43 -3.21
CA ALA A 224 21.45 9.66 -3.91
C ALA A 224 19.95 9.96 -3.79
N ALA A 225 19.13 8.93 -3.94
CA ALA A 225 17.68 9.11 -3.85
C ALA A 225 17.27 9.62 -2.46
N VAL A 226 17.89 9.07 -1.42
CA VAL A 226 17.57 9.49 -0.05
C VAL A 226 17.98 10.94 0.23
N ARG A 227 19.13 11.34 -0.30
CA ARG A 227 19.60 12.70 -0.10
C ARG A 227 18.68 13.68 -0.81
N ALA A 228 18.34 13.36 -2.05
CA ALA A 228 17.46 14.18 -2.87
C ALA A 228 16.06 14.30 -2.30
N ALA A 229 15.52 13.20 -1.79
CA ALA A 229 14.18 13.24 -1.22
C ALA A 229 14.15 14.12 0.03
N LEU A 230 15.15 13.96 0.90
CA LEU A 230 15.20 14.76 2.12
C LEU A 230 15.42 16.23 1.82
N GLU A 231 16.33 16.53 0.88
CA GLU A 231 16.62 17.90 0.50
C GLU A 231 15.34 18.56 0.01
N LYS A 232 14.60 17.84 -0.82
CA LYS A 232 13.36 18.38 -1.36
C LYS A 232 12.31 18.61 -0.27
N ALA A 233 12.16 17.65 0.63
CA ALA A 233 11.16 17.76 1.69
C ALA A 233 11.46 18.91 2.65
N VAL A 234 12.74 19.17 2.88
CA VAL A 234 13.14 20.25 3.78
C VAL A 234 12.93 21.57 3.05
N ALA A 235 13.37 21.65 1.80
CA ALA A 235 13.19 22.87 1.03
C ALA A 235 11.72 23.25 1.01
N GLN A 236 10.85 22.26 0.85
CA GLN A 236 9.41 22.52 0.83
C GLN A 236 8.92 23.05 2.17
N ARG A 237 9.68 22.80 3.23
CA ARG A 237 9.29 23.21 4.57
C ARG A 237 9.89 24.49 5.11
N VAL A 238 10.85 25.06 4.36
CA VAL A 238 11.49 26.28 4.79
C VAL A 238 10.90 27.44 4.01
N THR A 239 10.56 28.50 4.74
CA THR A 239 9.98 29.70 4.13
C THR A 239 11.06 30.57 3.48
N PRO A 240 10.86 30.94 2.21
CA PRO A 240 11.89 31.77 1.57
C PRO A 240 11.99 33.12 2.25
N GLY A 241 13.20 33.58 2.51
CA GLY A 241 13.38 34.86 3.16
C GLY A 241 13.32 34.78 4.67
N ASP A 242 13.34 33.55 5.20
CA ASP A 242 13.30 33.36 6.64
C ASP A 242 14.17 32.19 7.08
N THR A 243 15.05 32.44 8.05
CA THR A 243 15.93 31.41 8.57
C THR A 243 15.14 30.58 9.56
N PRO A 244 15.07 29.25 9.35
CA PRO A 244 14.31 28.38 10.25
C PRO A 244 15.11 27.95 11.48
N LEU A 245 14.42 27.35 12.45
CA LEU A 245 15.07 26.85 13.65
C LEU A 245 14.98 25.33 13.64
N VAL A 246 16.09 24.68 13.96
CA VAL A 246 16.11 23.22 14.02
C VAL A 246 16.47 22.77 15.43
N VAL A 247 15.63 21.92 16.00
CA VAL A 247 15.90 21.40 17.33
C VAL A 247 16.90 20.30 17.00
N LEU A 248 18.13 20.54 17.44
CA LEU A 248 19.26 19.68 17.13
C LEU A 248 19.85 18.95 18.32
N SER A 249 20.01 17.64 18.19
CA SER A 249 20.58 16.84 19.26
C SER A 249 21.96 16.31 18.89
N GLY A 250 22.37 16.55 17.65
CA GLY A 250 23.66 16.04 17.24
C GLY A 250 23.53 14.62 16.73
N GLY A 251 22.32 14.07 16.78
CA GLY A 251 22.11 12.72 16.25
C GLY A 251 22.06 12.88 14.74
N ILE A 252 22.15 11.80 13.97
CA ILE A 252 22.15 11.91 12.51
C ILE A 252 20.84 12.45 11.92
N ASP A 253 19.71 12.04 12.50
CA ASP A 253 18.40 12.50 12.01
C ASP A 253 18.31 14.02 11.98
N SER A 254 18.39 14.64 13.16
CA SER A 254 18.32 16.08 13.29
C SER A 254 19.47 16.79 12.54
N SER A 255 20.65 16.19 12.56
CA SER A 255 21.81 16.77 11.86
C SER A 255 21.58 16.71 10.36
N GLY A 256 20.95 15.64 9.90
CA GLY A 256 20.65 15.50 8.49
C GLY A 256 19.71 16.63 8.10
N VAL A 257 18.73 16.88 8.95
CA VAL A 257 17.77 17.95 8.71
C VAL A 257 18.44 19.32 8.70
N ALA A 258 19.25 19.59 9.71
CA ALA A 258 19.96 20.85 9.83
C ALA A 258 20.83 21.13 8.60
N ALA A 259 21.51 20.11 8.08
CA ALA A 259 22.37 20.29 6.91
C ALA A 259 21.54 20.67 5.68
N CYS A 260 20.39 20.03 5.51
CA CYS A 260 19.54 20.34 4.37
C CYS A 260 18.95 21.73 4.51
N ALA A 261 18.41 22.01 5.70
CA ALA A 261 17.78 23.30 5.96
C ALA A 261 18.75 24.47 5.82
N HIS A 262 19.99 24.27 6.23
CA HIS A 262 20.98 25.34 6.10
C HIS A 262 21.16 25.64 4.62
N ARG A 263 21.36 24.60 3.82
CA ARG A 263 21.55 24.77 2.39
C ARG A 263 20.34 25.45 1.76
N ALA A 264 19.15 25.10 2.27
CA ALA A 264 17.91 25.66 1.74
C ALA A 264 17.72 27.13 2.07
N ALA A 265 18.00 27.51 3.31
CA ALA A 265 17.83 28.89 3.75
C ALA A 265 19.05 29.79 3.57
N GLY A 266 20.24 29.20 3.50
CA GLY A 266 21.43 30.01 3.35
C GLY A 266 22.11 30.21 4.69
N GLU A 267 21.34 30.00 5.77
CA GLU A 267 21.87 30.09 7.13
C GLU A 267 20.92 29.34 8.04
N LEU A 268 21.31 29.11 9.29
CA LEU A 268 20.45 28.34 10.17
C LEU A 268 20.59 28.61 11.67
N ASP A 269 19.46 28.54 12.37
CA ASP A 269 19.41 28.71 13.82
C ASP A 269 19.16 27.32 14.37
N THR A 270 19.79 26.99 15.49
CA THR A 270 19.61 25.69 16.11
C THR A 270 19.47 25.84 17.62
N VAL A 271 18.95 24.80 18.27
CA VAL A 271 18.79 24.84 19.71
C VAL A 271 18.85 23.40 20.23
N SER A 272 19.54 23.21 21.35
CA SER A 272 19.67 21.90 21.98
C SER A 272 19.17 22.00 23.42
N MET A 273 18.47 20.98 23.87
CA MET A 273 17.94 20.96 25.23
C MET A 273 18.66 19.90 26.07
N GLY A 274 18.94 20.23 27.32
CA GLY A 274 19.59 19.26 28.19
C GLY A 274 18.95 19.34 29.57
N THR A 275 19.26 18.39 30.43
CA THR A 275 18.74 18.38 31.80
C THR A 275 19.93 18.39 32.77
N ASP A 276 19.65 18.30 34.07
CA ASP A 276 20.74 18.30 35.04
C ASP A 276 21.35 16.91 35.19
N THR A 277 20.77 15.92 34.51
CA THR A 277 21.30 14.57 34.58
C THR A 277 21.91 14.14 33.24
N SER A 278 21.59 14.86 32.18
CA SER A 278 22.16 14.50 30.87
C SER A 278 21.87 15.50 29.76
N ASN A 279 22.68 15.44 28.72
CA ASN A 279 22.53 16.31 27.56
C ASN A 279 23.41 15.80 26.43
N GLU A 280 23.25 16.37 25.23
CA GLU A 280 24.04 15.96 24.09
C GLU A 280 24.67 17.20 23.47
N PHE A 281 24.95 18.19 24.31
CA PHE A 281 25.54 19.44 23.83
C PHE A 281 26.81 19.23 23.01
N ARG A 282 27.72 18.41 23.51
CA ARG A 282 28.97 18.15 22.78
C ARG A 282 28.64 17.71 21.37
N GLU A 283 27.85 16.63 21.26
CA GLU A 283 27.46 16.08 19.96
C GLU A 283 26.83 17.12 19.03
N ALA A 284 26.01 18.00 19.59
CA ALA A 284 25.35 19.03 18.79
C ALA A 284 26.31 20.13 18.35
N ARG A 285 27.23 20.50 19.24
CA ARG A 285 28.20 21.55 18.94
C ARG A 285 29.04 21.21 17.70
N ALA A 286 29.37 19.94 17.53
CA ALA A 286 30.16 19.51 16.39
C ALA A 286 29.46 19.90 15.08
N VAL A 287 28.14 19.80 15.06
CA VAL A 287 27.37 20.14 13.88
C VAL A 287 27.18 21.65 13.73
N VAL A 288 27.01 22.35 14.84
CA VAL A 288 26.81 23.79 14.77
C VAL A 288 28.07 24.50 14.24
N ASP A 289 29.25 23.97 14.57
CA ASP A 289 30.48 24.58 14.09
C ASP A 289 30.69 24.25 12.63
N HIS A 290 30.40 22.99 12.28
CA HIS A 290 30.55 22.52 10.92
C HIS A 290 29.66 23.31 9.96
N LEU A 291 28.41 23.52 10.35
CA LEU A 291 27.46 24.27 9.53
C LEU A 291 27.50 25.76 9.83
N ARG A 292 28.12 26.11 10.96
CA ARG A 292 28.23 27.51 11.37
C ARG A 292 26.85 28.09 11.62
N THR A 293 26.11 27.48 12.55
CA THR A 293 24.75 27.95 12.86
C THR A 293 24.74 28.87 14.08
N ARG A 294 23.64 29.59 14.27
CA ARG A 294 23.47 30.45 15.44
C ARG A 294 22.84 29.47 16.43
N HIS A 295 23.62 29.07 17.43
CA HIS A 295 23.20 28.07 18.42
C HIS A 295 22.79 28.59 19.80
N ARG A 296 21.97 27.80 20.49
CA ARG A 296 21.49 28.10 21.83
C ARG A 296 21.34 26.78 22.60
N GLU A 297 21.89 26.72 23.81
CA GLU A 297 21.77 25.51 24.62
C GLU A 297 20.83 25.83 25.76
N ILE A 298 19.95 24.89 26.09
CA ILE A 298 18.99 25.10 27.16
C ILE A 298 19.00 23.91 28.09
N THR A 299 19.15 24.18 29.39
CA THR A 299 19.18 23.13 30.40
C THR A 299 18.01 23.33 31.35
N ILE A 300 17.17 22.32 31.48
CA ILE A 300 16.06 22.43 32.41
C ILE A 300 16.19 21.31 33.46
N PRO A 301 15.94 21.65 34.73
CA PRO A 301 16.04 20.65 35.80
C PRO A 301 15.10 19.47 35.57
N THR A 302 15.47 18.32 36.11
CA THR A 302 14.65 17.13 35.98
C THR A 302 13.28 17.41 36.58
N THR A 303 13.28 18.11 37.70
CA THR A 303 12.03 18.46 38.38
C THR A 303 11.10 19.26 37.47
N GLU A 304 11.67 20.18 36.69
CA GLU A 304 10.89 21.00 35.77
C GLU A 304 10.42 20.17 34.59
N LEU A 305 11.23 19.18 34.22
CA LEU A 305 10.90 18.31 33.11
C LEU A 305 9.63 17.52 33.44
N LEU A 306 9.62 16.87 34.60
CA LEU A 306 8.48 16.08 35.03
C LEU A 306 7.24 16.95 35.24
N ALA A 307 7.45 18.24 35.46
CA ALA A 307 6.33 19.14 35.67
C ALA A 307 5.52 19.26 34.38
N GLN A 308 6.17 19.00 33.25
CA GLN A 308 5.54 19.08 31.93
C GLN A 308 4.48 18.01 31.72
N LEU A 309 4.50 16.98 32.56
CA LEU A 309 3.55 15.88 32.44
C LEU A 309 2.13 16.31 32.07
N PRO A 310 1.50 17.19 32.86
CA PRO A 310 0.13 17.56 32.46
C PRO A 310 0.08 18.31 31.12
N TYR A 311 1.10 19.09 30.82
CA TYR A 311 1.14 19.84 29.56
C TYR A 311 1.26 18.93 28.34
N ALA A 312 2.08 17.89 28.45
CA ALA A 312 2.27 16.97 27.34
C ALA A 312 1.02 16.14 27.02
N VAL A 313 0.27 15.74 28.04
CA VAL A 313 -0.94 14.95 27.81
C VAL A 313 -2.04 15.87 27.29
N TRP A 314 -2.06 17.09 27.81
CA TRP A 314 -3.03 18.12 27.44
C TRP A 314 -2.86 18.53 25.97
N ALA A 315 -1.60 18.61 25.54
CA ALA A 315 -1.28 19.02 24.16
C ALA A 315 -1.40 17.89 23.15
N SER A 316 -0.92 16.70 23.52
CA SER A 316 -0.96 15.55 22.61
C SER A 316 -2.31 14.87 22.66
N GLU A 317 -2.96 14.94 23.83
CA GLU A 317 -4.24 14.29 24.04
C GLU A 317 -4.10 12.78 23.93
N SER A 318 -2.95 12.28 24.41
CA SER A 318 -2.64 10.85 24.41
C SER A 318 -2.68 10.28 25.84
N VAL A 319 -2.99 8.99 25.94
CA VAL A 319 -3.06 8.33 27.26
C VAL A 319 -2.01 7.23 27.36
N ASP A 320 -1.17 7.15 26.34
CA ASP A 320 -0.10 6.17 26.28
C ASP A 320 1.10 6.77 27.00
N PRO A 321 1.49 6.18 28.15
CA PRO A 321 2.63 6.65 28.96
C PRO A 321 3.97 6.69 28.24
N ASP A 322 4.17 5.78 27.31
CA ASP A 322 5.43 5.75 26.57
C ASP A 322 5.52 6.96 25.63
N ILE A 323 4.39 7.39 25.11
CA ILE A 323 4.34 8.53 24.22
C ILE A 323 4.54 9.80 25.04
N ILE A 324 3.78 9.91 26.12
CA ILE A 324 3.86 11.07 26.99
C ILE A 324 5.27 11.26 27.55
N GLU A 325 5.83 10.18 28.10
CA GLU A 325 7.17 10.24 28.69
C GLU A 325 8.19 10.66 27.64
N TYR A 326 7.93 10.25 26.40
CA TYR A 326 8.81 10.56 25.28
C TYR A 326 8.70 12.03 24.83
N LEU A 327 7.51 12.59 24.94
CA LEU A 327 7.26 13.98 24.54
C LEU A 327 7.63 15.03 25.57
N LEU A 328 7.91 14.62 26.80
CA LEU A 328 8.26 15.57 27.87
C LEU A 328 9.41 16.52 27.51
N PRO A 329 10.55 15.98 27.07
CA PRO A 329 11.64 16.91 26.74
C PRO A 329 11.26 17.94 25.68
N LEU A 330 10.59 17.50 24.62
CA LEU A 330 10.20 18.39 23.54
C LEU A 330 9.22 19.45 23.98
N THR A 331 8.28 19.06 24.84
CA THR A 331 7.30 20.01 25.33
C THR A 331 8.02 21.09 26.14
N ALA A 332 8.93 20.66 27.01
CA ALA A 332 9.69 21.58 27.84
C ALA A 332 10.54 22.51 26.96
N LEU A 333 11.18 21.94 25.94
CA LEU A 333 12.01 22.73 25.04
C LEU A 333 11.19 23.79 24.29
N TYR A 334 10.04 23.42 23.75
CA TYR A 334 9.21 24.38 23.03
C TYR A 334 8.72 25.52 23.94
N ARG A 335 8.40 25.19 25.19
CA ARG A 335 7.96 26.19 26.15
C ARG A 335 9.14 27.03 26.67
N ALA A 336 10.35 26.50 26.55
CA ALA A 336 11.55 27.20 27.04
C ALA A 336 12.16 28.15 26.01
N LEU A 337 11.66 28.11 24.79
CA LEU A 337 12.19 28.97 23.74
C LEU A 337 11.85 30.44 24.02
N ASP A 338 12.78 31.33 23.72
CA ASP A 338 12.57 32.76 23.94
C ASP A 338 12.68 33.51 22.63
N GLY A 339 11.85 34.52 22.45
CA GLY A 339 11.90 35.29 21.23
C GLY A 339 10.64 35.10 20.41
N PRO A 340 10.63 35.55 19.15
CA PRO A 340 9.48 35.44 18.25
C PRO A 340 9.06 34.00 17.95
N GLU A 341 7.85 33.85 17.42
CA GLU A 341 7.32 32.54 17.06
C GLU A 341 8.21 32.02 15.95
N ARG A 342 8.61 30.75 16.03
CA ARG A 342 9.48 30.19 15.00
C ARG A 342 8.85 29.08 14.17
N ARG A 343 9.45 28.85 13.00
CA ARG A 343 9.07 27.76 12.10
C ARG A 343 10.19 26.77 12.44
N ILE A 344 9.81 25.63 13.00
CA ILE A 344 10.79 24.64 13.43
C ILE A 344 10.76 23.33 12.69
N LEU A 345 11.93 22.83 12.30
CA LEU A 345 12.02 21.55 11.61
C LEU A 345 12.72 20.62 12.60
N THR A 346 12.30 19.35 12.62
CA THR A 346 12.89 18.38 13.53
C THR A 346 13.29 17.14 12.74
N GLY A 347 14.09 16.28 13.37
CA GLY A 347 14.52 15.04 12.75
C GLY A 347 13.67 13.90 13.27
N TYR A 348 12.52 14.24 13.84
CA TYR A 348 11.60 13.25 14.39
C TYR A 348 11.15 12.17 13.40
N GLY A 349 10.96 10.96 13.92
CA GLY A 349 10.46 9.86 13.12
C GLY A 349 11.36 9.10 12.18
N ALA A 350 12.57 9.60 11.94
CA ALA A 350 13.47 8.91 11.03
C ALA A 350 13.74 7.46 11.46
N ASP A 351 13.80 7.23 12.77
CA ASP A 351 14.07 5.88 13.26
C ASP A 351 13.02 4.84 12.92
N ILE A 352 11.78 5.26 12.76
CA ILE A 352 10.72 4.31 12.47
C ILE A 352 10.91 3.60 11.13
N PRO A 353 10.87 4.33 10.00
CA PRO A 353 11.06 3.61 8.74
C PRO A 353 12.45 2.99 8.59
N LEU A 354 13.45 3.55 9.27
CA LEU A 354 14.82 3.06 9.15
C LEU A 354 15.30 2.01 10.17
N GLY A 355 14.41 1.59 11.05
CA GLY A 355 14.80 0.61 12.06
C GLY A 355 15.93 1.12 12.93
N GLY A 356 15.77 2.34 13.45
CA GLY A 356 16.79 2.94 14.30
C GLY A 356 17.10 2.17 15.58
N MET A 357 16.10 1.48 16.11
CA MET A 357 16.27 0.69 17.34
C MET A 357 16.92 -0.67 17.08
N HIS A 358 17.03 -1.07 15.81
CA HIS A 358 17.60 -2.38 15.49
C HIS A 358 19.11 -2.46 15.79
N ARG A 359 19.48 -3.38 16.67
CA ARG A 359 20.88 -3.52 17.09
C ARG A 359 21.70 -4.67 16.50
N GLU A 360 21.11 -5.51 15.65
CA GLU A 360 21.88 -6.62 15.09
C GLU A 360 22.14 -6.51 13.61
N ASP A 361 23.08 -7.33 13.14
CA ASP A 361 23.43 -7.40 11.73
C ASP A 361 22.42 -8.31 11.04
N ARG A 362 21.72 -9.15 11.82
CA ARG A 362 20.69 -10.05 11.29
C ARG A 362 19.48 -9.19 10.91
N LEU A 363 19.12 -9.20 9.64
CA LEU A 363 18.03 -8.39 9.10
C LEU A 363 16.56 -8.73 9.36
N PRO A 364 16.22 -10.02 9.48
CA PRO A 364 14.81 -10.39 9.73
C PRO A 364 13.98 -9.55 10.70
N ALA A 365 14.47 -9.42 11.94
CA ALA A 365 13.76 -8.66 12.95
C ALA A 365 13.57 -7.19 12.61
N LEU A 366 14.46 -6.63 11.79
CA LEU A 366 14.34 -5.22 11.44
C LEU A 366 13.05 -4.99 10.65
N ASP A 367 12.74 -5.89 9.72
CA ASP A 367 11.51 -5.75 8.96
C ASP A 367 10.25 -6.06 9.78
N THR A 368 10.35 -6.99 10.74
CA THR A 368 9.19 -7.35 11.57
C THR A 368 8.74 -6.13 12.36
N VAL A 369 9.69 -5.50 13.04
CA VAL A 369 9.42 -4.32 13.85
C VAL A 369 8.98 -3.16 12.99
N LEU A 370 9.62 -3.00 11.83
CA LEU A 370 9.27 -1.93 10.90
C LEU A 370 7.84 -2.04 10.43
N ALA A 371 7.45 -3.24 10.02
CA ALA A 371 6.09 -3.46 9.55
C ALA A 371 5.09 -3.20 10.67
N HIS A 372 5.41 -3.65 11.88
CA HIS A 372 4.52 -3.44 13.01
C HIS A 372 4.41 -1.95 13.32
N ASP A 373 5.54 -1.27 13.39
CA ASP A 373 5.53 0.16 13.69
C ASP A 373 4.68 0.95 12.69
N MET A 374 4.83 0.65 11.41
CA MET A 374 4.08 1.38 10.38
C MET A 374 2.60 1.06 10.45
N ALA A 375 2.27 -0.09 11.03
CA ALA A 375 0.87 -0.50 11.15
C ALA A 375 0.25 -0.02 12.45
N THR A 376 1.04 0.61 13.31
CA THR A 376 0.51 1.06 14.59
C THR A 376 0.84 2.49 15.05
N PHE A 377 1.22 3.37 14.13
CA PHE A 377 1.52 4.72 14.55
C PHE A 377 0.29 5.62 14.73
N ASP A 378 -0.78 5.33 13.99
CA ASP A 378 -1.98 6.13 14.07
C ASP A 378 -2.58 6.16 15.47
N GLY A 379 -2.95 7.36 15.93
CA GLY A 379 -3.54 7.52 17.24
C GLY A 379 -2.58 7.94 18.34
N LEU A 380 -1.28 7.78 18.10
CA LEU A 380 -0.28 8.16 19.10
C LEU A 380 -0.06 9.66 19.17
N ASN A 381 -0.49 10.39 18.15
CA ASN A 381 -0.35 11.84 18.08
C ASN A 381 1.06 12.34 18.42
N GLU A 382 2.05 11.49 18.18
CA GLU A 382 3.45 11.79 18.45
C GLU A 382 4.01 13.04 17.79
N MET A 383 3.48 13.43 16.64
CA MET A 383 4.05 14.63 16.02
C MET A 383 3.03 15.72 15.79
N SER A 384 2.02 15.75 16.66
CA SER A 384 0.98 16.75 16.63
C SER A 384 1.60 18.13 16.74
N PRO A 385 1.10 19.09 15.94
CA PRO A 385 1.69 20.43 16.04
C PRO A 385 1.41 21.12 17.38
N VAL A 386 0.36 20.69 18.09
CA VAL A 386 0.00 21.29 19.36
C VAL A 386 1.16 21.23 20.38
N LEU A 387 2.04 20.25 20.20
CA LEU A 387 3.21 20.09 21.06
C LEU A 387 4.01 21.40 21.13
N SER A 388 4.16 22.05 19.97
CA SER A 388 4.90 23.31 19.89
C SER A 388 4.01 24.55 19.85
N THR A 389 2.89 24.48 19.14
CA THR A 389 2.00 25.64 19.03
C THR A 389 1.39 26.06 20.36
N LEU A 390 1.49 25.21 21.38
CA LEU A 390 0.97 25.61 22.68
C LEU A 390 1.84 26.77 23.17
N ALA A 391 3.04 26.90 22.61
CA ALA A 391 3.95 27.99 22.95
C ALA A 391 4.04 28.93 21.77
N GLY A 392 3.13 28.77 20.81
CA GLY A 392 3.12 29.62 19.64
C GLY A 392 4.11 29.28 18.54
N HIS A 393 4.75 28.12 18.62
CA HIS A 393 5.72 27.73 17.60
C HIS A 393 5.17 26.64 16.68
N TRP A 394 5.52 26.72 15.39
CA TRP A 394 5.08 25.73 14.42
C TRP A 394 6.20 24.71 14.17
N THR A 395 5.86 23.43 14.17
CA THR A 395 6.84 22.38 13.90
C THR A 395 6.39 21.56 12.69
N THR A 396 7.36 21.10 11.91
CA THR A 396 7.08 20.26 10.75
C THR A 396 8.15 19.17 10.78
N HIS A 397 7.85 17.98 10.25
CA HIS A 397 8.81 16.88 10.32
C HIS A 397 9.14 16.25 8.97
N PRO A 398 10.24 16.69 8.33
CA PRO A 398 10.65 16.17 7.02
C PRO A 398 10.81 14.66 6.83
N TYR A 399 11.17 13.89 7.86
CA TYR A 399 11.30 12.45 7.64
C TYR A 399 9.95 11.77 7.42
N TRP A 400 8.87 12.35 7.95
CA TRP A 400 7.55 11.78 7.73
C TRP A 400 6.79 12.44 6.59
N ASP A 401 7.54 13.16 5.76
CA ASP A 401 7.00 13.80 4.55
C ASP A 401 6.52 12.55 3.79
N ARG A 402 5.44 12.65 3.03
CA ARG A 402 4.96 11.47 2.34
C ARG A 402 5.97 10.85 1.36
N GLU A 403 6.66 11.67 0.57
CA GLU A 403 7.62 11.12 -0.37
C GLU A 403 8.85 10.54 0.33
N VAL A 404 9.38 11.24 1.32
CA VAL A 404 10.53 10.72 2.05
C VAL A 404 10.16 9.42 2.79
N LEU A 405 9.00 9.41 3.44
CA LEU A 405 8.53 8.24 4.18
C LEU A 405 8.38 7.03 3.28
N ASP A 406 7.66 7.21 2.16
CA ASP A 406 7.46 6.13 1.19
C ASP A 406 8.80 5.53 0.81
N LEU A 407 9.76 6.40 0.53
CA LEU A 407 11.08 5.96 0.13
C LEU A 407 11.80 5.13 1.18
N LEU A 408 11.90 5.68 2.38
CA LEU A 408 12.59 4.98 3.46
C LEU A 408 11.89 3.67 3.83
N VAL A 409 10.57 3.69 3.94
CA VAL A 409 9.84 2.47 4.26
C VAL A 409 10.12 1.37 3.22
N SER A 410 10.16 1.75 1.95
CA SER A 410 10.37 0.78 0.86
C SER A 410 11.73 0.12 0.77
N LEU A 411 12.79 0.81 1.18
CA LEU A 411 14.13 0.24 1.06
C LEU A 411 14.32 -1.09 1.77
N GLU A 412 14.98 -2.02 1.08
CA GLU A 412 15.27 -3.33 1.64
C GLU A 412 16.12 -3.17 2.90
N ALA A 413 15.83 -3.99 3.90
CA ALA A 413 16.52 -3.95 5.18
C ALA A 413 18.04 -3.87 5.07
N GLY A 414 18.60 -4.51 4.05
CA GLY A 414 20.05 -4.50 3.87
C GLY A 414 20.65 -3.13 3.60
N LEU A 415 19.80 -2.15 3.32
CA LEU A 415 20.23 -0.78 3.06
C LEU A 415 20.05 0.07 4.32
N LYS A 416 19.31 -0.48 5.28
CA LYS A 416 19.04 0.20 6.55
C LYS A 416 20.06 -0.26 7.59
N ARG A 417 20.43 -1.53 7.50
CA ARG A 417 21.45 -2.12 8.36
C ARG A 417 22.49 -2.60 7.38
N ARG A 418 23.58 -1.84 7.27
CA ARG A 418 24.63 -2.16 6.32
C ARG A 418 25.99 -1.78 6.90
N HIS A 419 27.01 -2.56 6.57
CA HIS A 419 28.36 -2.29 7.05
C HIS A 419 28.45 -2.17 8.56
N GLY A 420 27.59 -2.90 9.25
CA GLY A 420 27.61 -2.87 10.71
C GLY A 420 27.05 -1.61 11.32
N ARG A 421 26.43 -0.77 10.50
CA ARG A 421 25.85 0.50 10.96
C ARG A 421 24.35 0.55 10.81
N ASP A 422 23.70 1.21 11.77
CA ASP A 422 22.25 1.38 11.77
C ASP A 422 21.90 2.51 10.82
N LYS A 423 20.70 2.49 10.26
CA LYS A 423 20.24 3.54 9.36
C LYS A 423 21.34 3.95 8.37
N TRP A 424 22.04 2.95 7.85
CA TRP A 424 23.16 3.20 6.95
C TRP A 424 22.91 4.13 5.78
N VAL A 425 21.82 3.92 5.04
CA VAL A 425 21.54 4.75 3.87
C VAL A 425 21.37 6.24 4.16
N LEU A 426 20.97 6.58 5.38
CA LEU A 426 20.79 7.99 5.74
C LEU A 426 22.14 8.59 6.14
N ARG A 427 22.96 7.80 6.81
CA ARG A 427 24.27 8.26 7.23
C ARG A 427 25.08 8.52 5.96
N ALA A 428 25.04 7.57 5.04
CA ALA A 428 25.76 7.68 3.78
C ALA A 428 25.26 8.90 3.01
N ALA A 429 23.95 9.08 3.00
CA ALA A 429 23.33 10.20 2.30
C ALA A 429 23.80 11.57 2.78
N MET A 430 24.13 11.67 4.07
CA MET A 430 24.58 12.94 4.63
C MET A 430 26.09 12.98 4.91
N ALA A 431 26.81 11.96 4.44
CA ALA A 431 28.24 11.87 4.65
C ALA A 431 29.07 13.06 4.16
N ASP A 432 28.61 13.73 3.10
CA ASP A 432 29.36 14.86 2.56
C ASP A 432 28.89 16.23 3.04
N ALA A 433 28.04 16.26 4.07
CA ALA A 433 27.55 17.54 4.57
C ALA A 433 27.67 17.68 6.07
N LEU A 434 28.28 16.69 6.73
CA LEU A 434 28.44 16.72 8.18
C LEU A 434 29.73 16.07 8.63
N PRO A 435 30.17 16.38 9.87
CA PRO A 435 31.41 15.78 10.35
C PRO A 435 31.30 14.27 10.46
N ALA A 436 32.38 13.59 10.07
CA ALA A 436 32.47 12.13 10.10
C ALA A 436 32.00 11.59 11.44
N GLU A 437 32.35 12.31 12.50
CA GLU A 437 31.96 11.92 13.85
C GLU A 437 30.45 11.77 13.94
N THR A 438 29.74 12.74 13.38
CA THR A 438 28.29 12.76 13.40
C THR A 438 27.69 11.68 12.53
N VAL A 439 28.32 11.43 11.39
CA VAL A 439 27.85 10.40 10.47
C VAL A 439 28.10 8.97 10.96
N ASN A 440 29.18 8.78 11.71
CA ASN A 440 29.54 7.45 12.23
C ASN A 440 28.95 7.12 13.60
N ARG A 441 28.55 8.14 14.35
CA ARG A 441 27.99 7.95 15.69
C ARG A 441 26.75 7.06 15.71
N PRO A 442 26.90 5.82 16.20
CA PRO A 442 25.74 4.90 16.24
C PRO A 442 24.67 5.44 17.17
N LYS A 443 23.41 5.09 16.91
CA LYS A 443 22.29 5.56 17.72
C LYS A 443 22.33 4.94 19.11
N SER A 454 14.77 6.12 33.65
CA SER A 454 14.10 7.42 33.34
C SER A 454 13.70 8.11 34.63
N SER A 455 13.60 9.44 34.57
CA SER A 455 13.22 10.23 35.74
C SER A 455 11.80 9.93 36.19
N PHE A 456 10.94 9.62 35.22
CA PHE A 456 9.54 9.33 35.52
C PHE A 456 9.44 8.02 36.31
N SER A 457 10.29 7.05 35.99
CA SER A 457 10.31 5.79 36.72
C SER A 457 10.68 6.17 38.15
N ARG A 458 11.75 6.98 38.25
CA ARG A 458 12.22 7.42 39.52
C ARG A 458 11.27 7.94 40.53
N LEU A 459 10.43 8.86 40.13
CA LEU A 459 9.68 9.66 41.08
C LEU A 459 8.55 8.89 41.69
N LEU A 460 8.10 7.94 40.84
CA LEU A 460 7.27 6.83 41.18
C LEU A 460 7.90 5.85 42.16
N LEU A 461 9.17 5.49 41.91
CA LEU A 461 9.89 4.55 42.76
C LEU A 461 10.13 5.24 44.09
N ASP A 462 10.29 6.56 44.05
CA ASP A 462 10.53 7.33 45.27
C ASP A 462 9.22 7.61 45.99
N HIS A 463 8.11 7.16 45.40
CA HIS A 463 6.80 7.38 46.00
C HIS A 463 6.15 6.07 46.47
N GLY A 464 6.98 5.11 46.86
CA GLY A 464 6.46 3.85 47.34
C GLY A 464 5.75 3.02 46.29
N VAL A 465 6.43 2.78 45.17
CA VAL A 465 5.87 1.99 44.09
C VAL A 465 6.91 1.01 43.60
N ALA A 466 6.68 -0.27 43.84
CA ALA A 466 7.62 -1.31 43.41
C ALA A 466 7.55 -1.45 41.91
N GLU A 467 8.57 -2.05 41.30
CA GLU A 467 8.66 -2.19 39.90
C GLU A 467 8.30 -3.47 39.22
N ASP A 468 7.01 -3.68 38.98
CA ASP A 468 6.48 -4.57 37.89
C ASP A 468 5.24 -3.73 37.38
N ARG A 469 4.91 -2.91 38.33
CA ARG A 469 3.82 -2.03 38.59
C ARG A 469 4.05 -0.58 38.17
N VAL A 470 5.31 -0.19 38.21
CA VAL A 470 5.73 1.15 37.82
C VAL A 470 5.22 1.56 36.44
N HIS A 471 5.21 0.64 35.48
CA HIS A 471 4.72 0.97 34.14
C HIS A 471 3.23 1.26 34.20
N GLU A 472 2.47 0.34 34.80
CA GLU A 472 1.03 0.51 34.91
C GLU A 472 0.71 1.77 35.72
N ALA A 473 1.64 2.17 36.58
CA ALA A 473 1.45 3.38 37.38
C ALA A 473 1.54 4.58 36.45
N LYS A 474 2.52 4.55 35.55
CA LYS A 474 2.70 5.64 34.60
C LYS A 474 1.45 5.78 33.75
N ARG A 475 0.81 4.65 33.44
CA ARG A 475 -0.41 4.65 32.64
C ARG A 475 -1.56 5.26 33.43
N GLN A 476 -1.60 4.99 34.73
CA GLN A 476 -2.66 5.51 35.56
C GLN A 476 -2.44 6.99 35.84
N VAL A 477 -1.18 7.40 35.91
CA VAL A 477 -0.87 8.80 36.13
C VAL A 477 -1.32 9.57 34.90
N VAL A 478 -0.84 9.13 33.74
CA VAL A 478 -1.18 9.76 32.47
C VAL A 478 -2.69 9.77 32.25
N ARG A 479 -3.33 8.63 32.48
CA ARG A 479 -4.76 8.51 32.30
C ARG A 479 -5.49 9.57 33.13
N GLU A 480 -5.05 9.77 34.37
CA GLU A 480 -5.68 10.75 35.25
C GLU A 480 -5.50 12.18 34.74
N LEU A 481 -4.27 12.54 34.38
CA LEU A 481 -3.98 13.87 33.87
C LEU A 481 -4.89 14.16 32.67
N PHE A 482 -4.98 13.18 31.78
CA PHE A 482 -5.82 13.31 30.60
C PHE A 482 -7.27 13.59 31.02
N ASP A 483 -7.76 12.80 31.97
CA ASP A 483 -9.13 12.97 32.47
C ASP A 483 -9.37 14.40 32.95
N LEU A 484 -8.41 14.97 33.66
CA LEU A 484 -8.54 16.33 34.17
C LEU A 484 -8.39 17.40 33.09
N THR A 485 -7.28 17.34 32.36
CA THR A 485 -6.98 18.32 31.32
C THR A 485 -7.77 18.24 30.02
N VAL A 486 -8.02 17.03 29.53
CA VAL A 486 -8.75 16.88 28.27
C VAL A 486 -10.23 16.53 28.46
N GLY A 487 -10.51 15.65 29.41
CA GLY A 487 -11.89 15.26 29.65
C GLY A 487 -12.61 16.28 30.52
N GLY A 488 -11.91 16.76 31.54
CA GLY A 488 -12.50 17.74 32.44
C GLY A 488 -12.54 19.12 31.82
N GLY A 489 -11.43 19.84 31.93
CA GLY A 489 -11.35 21.17 31.38
C GLY A 489 -10.40 22.01 32.22
N ARG A 490 -9.45 21.33 32.84
CA ARG A 490 -8.47 22.00 33.68
C ARG A 490 -7.17 22.28 32.94
N HIS A 491 -6.65 23.49 33.12
CA HIS A 491 -5.39 23.89 32.50
C HIS A 491 -4.28 23.16 33.24
N PRO A 492 -3.23 22.73 32.52
CA PRO A 492 -2.11 22.02 33.15
C PRO A 492 -1.57 22.72 34.39
N SER A 493 -1.54 24.05 34.34
CA SER A 493 -1.05 24.86 35.45
C SER A 493 -1.88 24.62 36.71
N GLU A 494 -3.18 24.36 36.53
CA GLU A 494 -4.08 24.13 37.64
C GLU A 494 -4.01 22.69 38.12
N VAL A 495 -3.02 21.94 37.66
CA VAL A 495 -2.89 20.55 38.05
C VAL A 495 -1.64 20.32 38.90
N ASP A 496 -1.83 19.72 40.06
CA ASP A 496 -0.74 19.41 40.96
C ASP A 496 -0.33 17.96 40.69
N THR A 497 0.68 17.81 39.83
CA THR A 497 1.17 16.50 39.42
C THR A 497 1.60 15.59 40.56
N ASP A 498 2.21 16.16 41.59
CA ASP A 498 2.68 15.37 42.73
C ASP A 498 1.54 14.60 43.39
N ASP A 499 0.40 15.26 43.55
CA ASP A 499 -0.76 14.62 44.17
C ASP A 499 -1.28 13.49 43.30
N VAL A 500 -1.27 13.71 41.98
CA VAL A 500 -1.74 12.70 41.05
C VAL A 500 -0.85 11.46 41.16
N VAL A 501 0.46 11.68 41.22
CA VAL A 501 1.41 10.58 41.35
C VAL A 501 1.18 9.84 42.67
N ARG A 502 1.02 10.61 43.75
CA ARG A 502 0.77 10.06 45.08
C ARG A 502 -0.51 9.23 45.07
N SER A 503 -1.62 9.85 44.70
CA SER A 503 -2.92 9.21 44.64
C SER A 503 -2.86 7.85 43.94
N VAL A 504 -2.02 7.76 42.92
CA VAL A 504 -1.86 6.52 42.15
C VAL A 504 -0.92 5.56 42.88
N ALA A 505 0.18 6.10 43.38
CA ALA A 505 1.18 5.29 44.09
C ALA A 505 0.57 4.50 45.23
N ASP A 506 -0.38 5.11 45.94
CA ASP A 506 -1.06 4.45 47.06
C ASP A 506 -2.19 3.55 46.55
N ARG A 507 -1.90 2.75 45.53
CA ARG A 507 -2.90 1.87 44.95
C ARG A 507 -2.24 0.58 44.44
N ALA B 3 18.57 -21.04 -23.06
CA ALA B 3 17.96 -20.96 -21.70
C ALA B 3 16.57 -21.60 -21.72
N PRO B 4 16.23 -22.37 -20.67
CA PRO B 4 14.91 -23.01 -20.62
C PRO B 4 13.81 -22.00 -20.92
N VAL B 5 12.90 -22.37 -21.82
CA VAL B 5 11.79 -21.52 -22.25
C VAL B 5 10.64 -21.44 -21.26
N LEU B 6 10.30 -22.56 -20.65
CA LEU B 6 9.18 -22.62 -19.70
C LEU B 6 9.66 -22.75 -18.26
N PRO B 7 8.82 -22.36 -17.29
CA PRO B 7 9.26 -22.47 -15.89
C PRO B 7 9.60 -23.91 -15.55
N ALA B 8 10.49 -24.11 -14.58
CA ALA B 8 10.90 -25.45 -14.19
C ALA B 8 9.69 -26.29 -13.79
N ALA B 9 8.68 -25.65 -13.22
CA ALA B 9 7.48 -26.35 -12.80
C ALA B 9 6.26 -25.46 -12.95
N PHE B 10 5.16 -26.02 -13.46
CA PHE B 10 3.92 -25.23 -13.60
C PHE B 10 3.13 -25.19 -12.28
N GLY B 11 3.07 -26.31 -11.58
CA GLY B 11 2.35 -26.40 -10.31
C GLY B 11 2.83 -27.56 -9.44
N PHE B 12 2.16 -27.80 -8.32
CA PHE B 12 2.55 -28.91 -7.44
C PHE B 12 1.49 -29.29 -6.42
N LEU B 13 1.78 -30.37 -5.70
CA LEU B 13 0.94 -30.87 -4.63
C LEU B 13 2.04 -31.32 -3.66
N ALA B 14 2.31 -30.49 -2.67
CA ALA B 14 3.35 -30.78 -1.69
C ALA B 14 2.67 -31.25 -0.42
N SER B 15 3.41 -31.97 0.42
CA SER B 15 2.84 -32.47 1.65
C SER B 15 3.85 -32.50 2.78
N ALA B 16 3.47 -31.94 3.93
CA ALA B 16 4.34 -31.95 5.10
C ALA B 16 3.59 -32.65 6.22
N ARG B 17 4.09 -33.81 6.63
CA ARG B 17 3.47 -34.57 7.71
C ARG B 17 4.41 -34.77 8.89
N THR B 18 3.84 -34.74 10.09
CA THR B 18 4.62 -34.92 11.30
C THR B 18 4.86 -36.42 11.46
N GLY B 19 4.06 -37.21 10.76
CA GLY B 19 4.19 -38.66 10.82
C GLY B 19 3.17 -39.31 9.92
N GLY B 20 3.64 -39.91 8.83
CA GLY B 20 2.74 -40.55 7.89
C GLY B 20 3.39 -40.73 6.54
N PRO B 24 -1.28 -38.90 -0.98
CA PRO B 24 -2.24 -39.10 -2.10
C PRO B 24 -1.70 -38.55 -3.41
N GLY B 25 -2.18 -39.09 -4.53
CA GLY B 25 -1.74 -38.63 -5.83
C GLY B 25 -2.52 -37.40 -6.28
N PRO B 26 -1.92 -36.52 -7.10
CA PRO B 26 -2.63 -35.33 -7.56
C PRO B 26 -3.30 -35.46 -8.92
N VAL B 27 -4.45 -34.82 -9.08
CA VAL B 27 -5.15 -34.82 -10.36
C VAL B 27 -5.22 -33.35 -10.76
N PHE B 28 -4.40 -32.99 -11.74
CA PHE B 28 -4.34 -31.60 -12.18
C PHE B 28 -5.02 -31.34 -13.52
N ALA B 29 -5.36 -30.08 -13.75
CA ALA B 29 -5.95 -29.68 -15.01
C ALA B 29 -4.74 -29.30 -15.87
N THR B 30 -3.66 -28.91 -15.18
CA THR B 30 -2.42 -28.54 -15.85
C THR B 30 -1.87 -29.76 -16.55
N ARG B 31 -1.45 -29.60 -17.80
CA ARG B 31 -0.91 -30.72 -18.57
C ARG B 31 0.60 -30.81 -18.43
N GLY B 32 1.14 -32.03 -18.37
CA GLY B 32 2.58 -32.20 -18.24
C GLY B 32 2.99 -33.41 -17.43
N SER B 33 4.30 -33.62 -17.30
CA SER B 33 4.82 -34.75 -16.53
C SER B 33 4.59 -34.53 -15.04
N HIS B 34 4.44 -35.62 -14.29
CA HIS B 34 4.27 -35.55 -12.84
C HIS B 34 5.52 -36.17 -12.24
N THR B 35 6.33 -35.37 -11.58
CA THR B 35 7.56 -35.86 -11.00
C THR B 35 7.63 -35.65 -9.49
N ASP B 36 7.79 -36.74 -8.76
CA ASP B 36 7.90 -36.66 -7.30
C ASP B 36 9.33 -36.32 -6.93
N ILE B 37 9.51 -35.42 -5.96
CA ILE B 37 10.86 -35.05 -5.55
C ILE B 37 11.33 -36.03 -4.50
N ASP B 38 12.65 -36.09 -4.32
CA ASP B 38 13.25 -36.97 -3.33
C ASP B 38 12.85 -36.56 -1.91
N THR B 39 12.77 -37.54 -1.03
CA THR B 39 12.45 -37.31 0.39
C THR B 39 13.60 -37.94 1.17
N PRO B 40 14.79 -37.32 1.16
CA PRO B 40 15.98 -37.83 1.85
C PRO B 40 15.89 -38.01 3.37
N GLN B 41 15.00 -37.27 4.03
CA GLN B 41 14.89 -37.42 5.47
C GLN B 41 13.55 -38.03 5.88
N GLY B 42 13.05 -38.93 5.04
CA GLY B 42 11.79 -39.62 5.30
C GLY B 42 10.61 -38.74 5.64
N GLU B 43 9.94 -39.05 6.74
CA GLU B 43 8.77 -38.30 7.18
C GLU B 43 9.08 -36.84 7.51
N ARG B 44 10.35 -36.54 7.76
CA ARG B 44 10.74 -35.17 8.09
C ARG B 44 11.03 -34.35 6.83
N SER B 45 10.82 -34.97 5.68
CA SER B 45 11.05 -34.33 4.40
C SER B 45 9.77 -33.71 3.89
N LEU B 46 9.92 -32.85 2.90
CA LEU B 46 8.76 -32.23 2.27
C LEU B 46 8.49 -33.13 1.07
N ALA B 47 7.30 -33.73 1.02
CA ALA B 47 6.94 -34.60 -0.10
C ALA B 47 6.30 -33.72 -1.16
N ALA B 48 6.66 -33.91 -2.42
CA ALA B 48 6.06 -33.08 -3.47
C ALA B 48 6.02 -33.67 -4.86
N THR B 49 4.89 -33.47 -5.53
CA THR B 49 4.71 -33.92 -6.89
C THR B 49 4.62 -32.68 -7.75
N LEU B 50 5.62 -32.50 -8.60
CA LEU B 50 5.67 -31.34 -9.49
C LEU B 50 5.05 -31.64 -10.85
N VAL B 51 4.23 -30.72 -11.37
CA VAL B 51 3.69 -30.91 -12.72
C VAL B 51 4.48 -29.91 -13.57
N HIS B 52 5.09 -30.39 -14.66
CA HIS B 52 5.94 -29.55 -15.49
C HIS B 52 5.99 -29.93 -16.98
N ALA B 53 6.70 -29.12 -17.76
CA ALA B 53 6.87 -29.35 -19.20
C ALA B 53 7.62 -30.66 -19.43
N PRO B 54 7.07 -31.53 -20.29
CA PRO B 54 7.74 -32.80 -20.55
C PRO B 54 9.15 -32.65 -21.12
N SER B 55 10.01 -33.60 -20.75
CA SER B 55 11.41 -33.67 -21.20
C SER B 55 12.38 -32.70 -20.53
N VAL B 56 11.87 -31.77 -19.73
CA VAL B 56 12.74 -30.81 -19.03
C VAL B 56 12.76 -31.13 -17.53
N ALA B 57 13.83 -31.75 -17.05
CA ALA B 57 13.92 -32.07 -15.63
C ALA B 57 13.63 -30.80 -14.83
N PRO B 58 12.72 -30.88 -13.84
CA PRO B 58 12.33 -29.74 -13.01
C PRO B 58 13.24 -29.44 -11.82
N ASP B 59 14.51 -29.80 -11.91
CA ASP B 59 15.47 -29.56 -10.82
C ASP B 59 15.46 -28.14 -10.25
N ARG B 60 15.32 -27.15 -11.13
CA ARG B 60 15.31 -25.75 -10.73
C ARG B 60 14.10 -25.34 -9.91
N ALA B 61 13.13 -26.23 -9.77
CA ALA B 61 11.92 -25.93 -9.01
C ALA B 61 12.09 -26.39 -7.57
N VAL B 62 13.23 -27.00 -7.30
CA VAL B 62 13.53 -27.53 -5.97
C VAL B 62 14.89 -27.08 -5.47
N ALA B 63 14.93 -26.68 -4.20
CA ALA B 63 16.17 -26.24 -3.57
C ALA B 63 16.23 -26.81 -2.16
N ARG B 64 17.41 -27.19 -1.72
CA ARG B 64 17.55 -27.75 -0.39
C ARG B 64 18.64 -27.09 0.44
N SER B 65 18.56 -27.32 1.75
CA SER B 65 19.53 -26.81 2.71
C SER B 65 20.94 -27.18 2.28
N LEU B 66 21.89 -26.31 2.59
CA LEU B 66 23.28 -26.58 2.23
C LEU B 66 24.06 -27.06 3.45
N THR B 67 23.33 -27.28 4.55
CA THR B 67 23.93 -27.75 5.78
C THR B 67 23.53 -29.20 6.05
N GLY B 68 22.77 -29.77 5.11
CA GLY B 68 22.33 -31.16 5.25
C GLY B 68 21.13 -31.34 6.16
N ALA B 69 20.44 -30.25 6.48
CA ALA B 69 19.29 -30.29 7.36
C ALA B 69 17.95 -30.40 6.60
N PRO B 70 16.85 -30.65 7.33
CA PRO B 70 15.54 -30.77 6.70
C PRO B 70 14.86 -29.49 6.21
N THR B 71 15.48 -28.82 5.24
CA THR B 71 14.90 -27.63 4.63
C THR B 71 14.81 -27.83 3.12
N THR B 72 13.60 -27.73 2.59
CA THR B 72 13.38 -27.91 1.16
C THR B 72 12.40 -26.86 0.65
N ALA B 73 12.69 -26.34 -0.53
CA ALA B 73 11.83 -25.35 -1.15
C ALA B 73 11.35 -25.87 -2.49
N VAL B 74 10.09 -25.61 -2.80
CA VAL B 74 9.53 -26.01 -4.08
C VAL B 74 8.81 -24.79 -4.64
N LEU B 75 9.14 -24.43 -5.87
CA LEU B 75 8.53 -23.28 -6.50
C LEU B 75 7.92 -23.57 -7.88
N ALA B 76 6.68 -23.12 -8.08
CA ALA B 76 5.98 -23.25 -9.35
C ALA B 76 6.02 -21.85 -9.94
N GLY B 77 6.35 -21.73 -11.22
CA GLY B 77 6.41 -20.42 -11.82
C GLY B 77 7.83 -19.89 -11.94
N GLU B 78 7.97 -18.58 -11.98
CA GLU B 78 9.28 -17.96 -12.14
C GLU B 78 9.33 -16.57 -11.50
N ILE B 79 10.54 -16.04 -11.37
CA ILE B 79 10.80 -14.73 -10.78
C ILE B 79 11.32 -13.81 -11.87
N TYR B 80 10.94 -12.54 -11.84
CA TYR B 80 11.38 -11.62 -12.88
C TYR B 80 12.52 -10.67 -12.50
N ASN B 81 12.58 -10.22 -11.25
CA ASN B 81 13.67 -9.32 -10.86
C ASN B 81 14.86 -10.08 -10.31
N ARG B 82 15.36 -11.03 -11.10
CA ARG B 82 16.50 -11.86 -10.71
C ARG B 82 17.80 -11.08 -10.46
N ASP B 83 18.18 -10.19 -11.37
CA ASP B 83 19.40 -9.40 -11.19
C ASP B 83 19.36 -8.63 -9.89
N GLU B 84 18.23 -7.99 -9.60
CA GLU B 84 18.12 -7.23 -8.38
C GLU B 84 18.23 -8.12 -7.14
N LEU B 85 17.56 -9.27 -7.17
CA LEU B 85 17.60 -10.18 -6.04
C LEU B 85 18.99 -10.79 -5.82
N LEU B 86 19.72 -10.99 -6.92
CA LEU B 86 21.07 -11.55 -6.84
C LEU B 86 22.04 -10.55 -6.25
N SER B 87 21.73 -9.25 -6.41
CA SER B 87 22.61 -8.20 -5.90
C SER B 87 22.56 -8.02 -4.38
N VAL B 88 21.55 -8.61 -3.73
CA VAL B 88 21.43 -8.50 -2.28
C VAL B 88 21.95 -9.75 -1.57
N LEU B 89 22.47 -10.70 -2.35
CA LEU B 89 23.00 -11.92 -1.78
C LEU B 89 24.53 -11.90 -1.65
N PRO B 90 25.07 -12.63 -0.66
CA PRO B 90 26.51 -12.71 -0.41
C PRO B 90 27.22 -13.31 -1.62
N ALA B 91 28.34 -12.70 -2.03
CA ALA B 91 29.11 -13.18 -3.18
C ALA B 91 29.39 -14.68 -3.11
N GLY B 92 29.40 -15.32 -4.28
CA GLY B 92 29.65 -16.74 -4.35
C GLY B 92 28.86 -17.37 -5.48
N PRO B 93 28.91 -18.70 -5.66
CA PRO B 93 28.15 -19.35 -6.75
C PRO B 93 26.65 -19.01 -6.66
N ALA B 94 26.17 -18.23 -7.63
CA ALA B 94 24.77 -17.81 -7.68
C ALA B 94 23.82 -19.01 -7.69
N PRO B 95 22.54 -18.78 -7.35
CA PRO B 95 21.58 -19.88 -7.34
C PRO B 95 21.27 -20.37 -8.74
N GLU B 96 20.91 -21.65 -8.84
CA GLU B 96 20.53 -22.26 -10.11
C GLU B 96 19.06 -22.55 -9.98
N GLY B 97 18.23 -21.61 -10.43
CA GLY B 97 16.79 -21.80 -10.34
C GLY B 97 16.18 -20.84 -9.34
N ASP B 98 14.90 -20.55 -9.52
CA ASP B 98 14.18 -19.62 -8.66
C ASP B 98 13.90 -20.19 -7.27
N ALA B 99 13.84 -21.51 -7.17
CA ALA B 99 13.61 -22.16 -5.89
C ALA B 99 14.83 -21.94 -5.01
N GLU B 100 16.00 -22.04 -5.64
CA GLU B 100 17.26 -21.85 -4.94
C GLU B 100 17.42 -20.38 -4.54
N LEU B 101 17.01 -19.49 -5.45
CA LEU B 101 17.10 -18.05 -5.24
C LEU B 101 16.27 -17.66 -4.01
N VAL B 102 15.08 -18.22 -3.93
CA VAL B 102 14.17 -17.99 -2.81
C VAL B 102 14.80 -18.45 -1.51
N LEU B 103 15.38 -19.63 -1.52
CA LEU B 103 15.99 -20.22 -0.33
C LEU B 103 17.17 -19.37 0.17
N ARG B 104 18.02 -18.93 -0.75
CA ARG B 104 19.14 -18.09 -0.39
C ARG B 104 18.62 -16.78 0.22
N LEU B 105 17.51 -16.29 -0.33
CA LEU B 105 16.90 -15.05 0.15
C LEU B 105 16.29 -15.25 1.54
N LEU B 106 15.64 -16.39 1.76
CA LEU B 106 15.05 -16.68 3.07
C LEU B 106 16.12 -16.72 4.16
N GLU B 107 17.32 -17.17 3.80
CA GLU B 107 18.41 -17.25 4.77
C GLU B 107 18.84 -15.86 5.22
N ARG B 108 18.67 -14.86 4.35
CA ARG B 108 19.06 -13.50 4.71
C ARG B 108 17.97 -12.65 5.33
N TYR B 109 16.73 -12.83 4.88
CA TYR B 109 15.59 -12.04 5.36
C TYR B 109 14.45 -12.83 5.99
N ASP B 110 14.57 -14.16 6.04
CA ASP B 110 13.50 -15.02 6.54
C ASP B 110 12.29 -14.75 5.64
N LEU B 111 11.07 -14.80 6.18
CA LEU B 111 9.89 -14.61 5.33
C LEU B 111 9.74 -13.22 4.69
N HIS B 112 10.53 -12.26 5.15
CA HIS B 112 10.48 -10.93 4.58
C HIS B 112 11.12 -10.95 3.20
N ALA B 113 11.66 -12.11 2.83
CA ALA B 113 12.27 -12.26 1.51
C ALA B 113 11.21 -12.02 0.42
N PHE B 114 9.98 -12.45 0.67
CA PHE B 114 8.94 -12.28 -0.33
C PHE B 114 8.50 -10.84 -0.59
N ARG B 115 8.94 -9.91 0.26
CA ARG B 115 8.58 -8.49 0.08
C ARG B 115 9.42 -7.91 -1.06
N LEU B 116 10.48 -8.63 -1.43
CA LEU B 116 11.42 -8.21 -2.46
C LEU B 116 11.16 -8.79 -3.85
N VAL B 117 10.49 -9.94 -3.88
CA VAL B 117 10.24 -10.65 -5.12
C VAL B 117 9.11 -10.21 -6.05
N ASN B 118 9.49 -9.90 -7.27
CA ASN B 118 8.53 -9.53 -8.32
C ASN B 118 8.49 -10.72 -9.29
N GLY B 119 7.43 -11.54 -9.21
CA GLY B 119 7.33 -12.66 -10.11
C GLY B 119 5.93 -13.16 -10.37
N ARG B 120 5.87 -14.41 -10.81
CA ARG B 120 4.61 -15.10 -11.11
C ARG B 120 4.94 -16.46 -10.57
N PHE B 121 4.60 -16.68 -9.30
CA PHE B 121 4.93 -17.93 -8.67
C PHE B 121 4.07 -18.22 -7.43
N ALA B 122 4.23 -19.43 -6.92
CA ALA B 122 3.58 -19.93 -5.71
C ALA B 122 4.65 -20.84 -5.16
N THR B 123 4.86 -20.86 -3.86
CA THR B 123 5.90 -21.70 -3.33
C THR B 123 5.61 -22.24 -1.94
N VAL B 124 6.24 -23.37 -1.64
CA VAL B 124 6.10 -24.03 -0.34
C VAL B 124 7.49 -24.41 0.10
N VAL B 125 7.79 -24.12 1.36
CA VAL B 125 9.09 -24.45 1.90
C VAL B 125 8.92 -24.99 3.29
N ARG B 126 9.56 -26.13 3.55
CA ARG B 126 9.49 -26.74 4.86
C ARG B 126 10.87 -26.67 5.48
N THR B 127 10.92 -26.23 6.73
CA THR B 127 12.16 -26.11 7.48
C THR B 127 11.85 -26.72 8.84
N GLY B 128 12.25 -27.97 9.05
CA GLY B 128 11.95 -28.62 10.31
C GLY B 128 10.45 -28.78 10.40
N ASP B 129 9.86 -28.32 11.50
CA ASP B 129 8.42 -28.40 11.66
C ASP B 129 7.75 -27.06 11.32
N ARG B 130 8.44 -26.26 10.52
CA ARG B 130 7.92 -24.97 10.08
C ARG B 130 7.66 -25.06 8.59
N VAL B 131 6.51 -24.59 8.15
CA VAL B 131 6.14 -24.61 6.74
C VAL B 131 5.68 -23.21 6.32
N LEU B 132 6.21 -22.73 5.20
CA LEU B 132 5.84 -21.41 4.69
C LEU B 132 5.12 -21.58 3.37
N LEU B 133 4.06 -20.79 3.15
CA LEU B 133 3.33 -20.82 1.90
C LEU B 133 3.36 -19.37 1.43
N ALA B 134 3.75 -19.13 0.18
CA ALA B 134 3.79 -17.76 -0.30
C ALA B 134 3.35 -17.64 -1.75
N THR B 135 2.72 -16.51 -2.06
CA THR B 135 2.22 -16.22 -3.40
C THR B 135 2.89 -14.97 -3.92
N ASP B 136 2.75 -14.68 -5.22
CA ASP B 136 3.35 -13.46 -5.75
C ASP B 136 2.46 -12.30 -5.31
N HIS B 137 2.89 -11.07 -5.58
CA HIS B 137 2.14 -9.89 -5.16
C HIS B 137 0.67 -9.87 -5.54
N ALA B 138 0.32 -10.46 -6.67
CA ALA B 138 -1.07 -10.46 -7.13
C ALA B 138 -1.69 -11.85 -7.04
N GLY B 139 -1.00 -12.80 -6.43
CA GLY B 139 -1.54 -14.15 -6.35
C GLY B 139 -1.94 -14.61 -7.73
N SER B 140 -1.11 -14.27 -8.73
CA SER B 140 -1.40 -14.62 -10.11
C SER B 140 -1.31 -16.13 -10.36
N VAL B 141 -0.62 -16.82 -9.45
CA VAL B 141 -0.49 -18.29 -9.50
C VAL B 141 -1.19 -18.80 -8.23
N PRO B 142 -2.46 -19.21 -8.35
CA PRO B 142 -3.20 -19.71 -7.19
C PRO B 142 -2.50 -20.75 -6.34
N LEU B 143 -2.72 -20.66 -5.04
CA LEU B 143 -2.13 -21.61 -4.11
C LEU B 143 -3.19 -21.90 -3.07
N TYR B 144 -3.48 -23.18 -2.86
CA TYR B 144 -4.49 -23.60 -1.88
C TYR B 144 -3.87 -24.49 -0.83
N THR B 145 -4.57 -24.66 0.30
CA THR B 145 -4.04 -25.49 1.37
C THR B 145 -5.11 -26.08 2.28
N CYS B 146 -4.75 -27.18 2.93
CA CYS B 146 -5.60 -27.89 3.89
C CYS B 146 -4.65 -28.13 5.07
N VAL B 147 -4.87 -27.43 6.16
CA VAL B 147 -4.01 -27.55 7.33
C VAL B 147 -4.67 -28.12 8.58
N ALA B 148 -3.98 -29.06 9.22
CA ALA B 148 -4.43 -29.69 10.44
C ALA B 148 -3.18 -29.98 11.24
N PRO B 149 -3.31 -30.21 12.56
CA PRO B 149 -2.14 -30.49 13.39
C PRO B 149 -1.35 -31.67 12.81
N GLY B 150 -0.05 -31.50 12.65
CA GLY B 150 0.75 -32.58 12.12
C GLY B 150 0.71 -32.73 10.60
N GLU B 151 -0.14 -32.00 9.91
CA GLU B 151 -0.17 -32.11 8.45
C GLU B 151 -0.60 -30.90 7.65
N VAL B 152 0.26 -30.52 6.71
CA VAL B 152 -0.04 -29.41 5.82
C VAL B 152 0.01 -29.92 4.38
N ARG B 153 -1.03 -29.60 3.62
CA ARG B 153 -1.08 -29.98 2.20
C ARG B 153 -1.23 -28.68 1.42
N ALA B 154 -0.40 -28.51 0.40
CA ALA B 154 -0.41 -27.29 -0.41
C ALA B 154 -0.47 -27.65 -1.89
N SER B 155 -1.39 -27.04 -2.61
CA SER B 155 -1.52 -27.33 -4.02
C SER B 155 -1.85 -26.10 -4.86
N THR B 156 -1.41 -26.11 -6.12
CA THR B 156 -1.67 -25.01 -7.03
C THR B 156 -3.06 -25.14 -7.66
N GLU B 157 -3.75 -26.22 -7.33
CA GLU B 157 -5.10 -26.45 -7.84
C GLU B 157 -5.98 -26.98 -6.69
N ALA B 158 -7.08 -26.30 -6.43
CA ALA B 158 -8.00 -26.70 -5.36
C ALA B 158 -8.56 -28.08 -5.62
N LYS B 159 -8.78 -28.41 -6.89
CA LYS B 159 -9.31 -29.71 -7.28
C LYS B 159 -8.46 -30.87 -6.75
N ALA B 160 -7.14 -30.70 -6.75
CA ALA B 160 -6.23 -31.73 -6.28
C ALA B 160 -6.37 -32.00 -4.78
N LEU B 161 -6.83 -31.00 -4.04
CA LEU B 161 -7.02 -31.15 -2.60
C LEU B 161 -8.44 -31.62 -2.35
N ALA B 162 -9.35 -31.27 -3.26
CA ALA B 162 -10.75 -31.67 -3.13
C ALA B 162 -10.87 -33.16 -3.45
N ALA B 163 -10.07 -33.62 -4.39
CA ALA B 163 -10.08 -35.03 -4.81
C ALA B 163 -9.63 -36.01 -3.74
N HIS B 164 -9.46 -35.54 -2.51
CA HIS B 164 -9.02 -36.38 -1.39
C HIS B 164 -10.23 -36.95 -0.63
N ARG B 165 -10.01 -37.92 0.20
CA ARG B 165 -10.89 -38.81 0.92
C ARG B 165 -11.94 -38.12 1.78
N ASP B 166 -11.67 -36.96 2.27
CA ASP B 166 -12.59 -36.10 2.97
C ASP B 166 -11.86 -34.84 3.43
N PRO B 167 -12.58 -33.75 3.68
CA PRO B 167 -11.92 -32.55 4.18
C PRO B 167 -11.36 -32.78 5.59
N LYS B 168 -10.17 -32.27 5.84
CA LYS B 168 -9.55 -32.40 7.15
C LYS B 168 -8.90 -31.08 7.54
N GLY B 169 -9.30 -30.02 6.85
CA GLY B 169 -8.75 -28.71 7.13
C GLY B 169 -9.73 -27.73 7.75
N PHE B 170 -9.19 -26.84 8.56
CA PHE B 170 -9.99 -25.83 9.23
C PHE B 170 -9.49 -24.46 8.78
N PRO B 171 -10.25 -23.39 9.06
CA PRO B 171 -9.84 -22.05 8.66
C PRO B 171 -8.40 -21.70 9.07
N LEU B 172 -7.87 -20.64 8.48
CA LEU B 172 -6.50 -20.21 8.77
C LEU B 172 -6.34 -18.69 8.74
N ALA B 173 -5.11 -18.27 8.99
CA ALA B 173 -4.82 -16.83 8.95
C ALA B 173 -4.89 -16.19 7.58
N ASP B 174 -6.06 -15.68 7.31
CA ASP B 174 -6.55 -14.80 6.30
C ASP B 174 -6.60 -15.51 4.91
N ALA B 175 -6.55 -16.83 5.10
CA ALA B 175 -6.92 -17.86 4.14
C ALA B 175 -8.44 -18.01 3.94
N ARG B 176 -8.91 -17.73 2.73
CA ARG B 176 -10.31 -17.79 2.35
C ARG B 176 -10.84 -19.18 2.01
N ARG B 177 -12.05 -19.46 2.48
CA ARG B 177 -12.71 -20.73 2.21
C ARG B 177 -13.09 -20.69 0.73
N VAL B 178 -12.73 -21.73 0.00
CA VAL B 178 -13.05 -21.76 -1.42
C VAL B 178 -14.53 -22.06 -1.62
N ALA B 179 -15.19 -21.22 -2.40
CA ALA B 179 -16.62 -21.39 -2.67
C ALA B 179 -16.92 -22.74 -3.32
N GLY B 180 -17.80 -23.51 -2.70
CA GLY B 180 -18.16 -24.80 -3.25
C GLY B 180 -17.45 -25.99 -2.64
N LEU B 181 -16.26 -25.76 -2.09
CA LEU B 181 -15.49 -26.85 -1.48
C LEU B 181 -15.50 -26.75 0.03
N THR B 182 -14.99 -27.81 0.68
CA THR B 182 -14.90 -27.83 2.13
C THR B 182 -13.50 -28.23 2.56
N GLY B 183 -12.97 -27.54 3.56
CA GLY B 183 -11.63 -27.84 4.05
C GLY B 183 -10.52 -27.27 3.19
N VAL B 184 -10.88 -26.69 2.05
CA VAL B 184 -9.88 -26.11 1.16
C VAL B 184 -9.85 -24.60 1.30
N TYR B 185 -8.68 -24.05 1.59
CA TYR B 185 -8.55 -22.61 1.74
C TYR B 185 -7.46 -22.06 0.83
N GLN B 186 -7.75 -20.93 0.19
CA GLN B 186 -6.81 -20.31 -0.73
C GLN B 186 -5.92 -19.27 -0.04
N VAL B 187 -4.61 -19.41 -0.24
CA VAL B 187 -3.66 -18.46 0.35
C VAL B 187 -3.94 -17.10 -0.31
N PRO B 188 -3.91 -16.02 0.49
CA PRO B 188 -4.17 -14.69 -0.09
C PRO B 188 -3.05 -14.25 -1.03
N ALA B 189 -3.36 -13.33 -1.93
CA ALA B 189 -2.38 -12.79 -2.86
C ALA B 189 -1.41 -11.92 -2.06
N GLY B 190 -0.18 -11.78 -2.55
CA GLY B 190 0.80 -10.97 -1.86
C GLY B 190 0.91 -11.28 -0.38
N ALA B 191 1.09 -12.56 -0.06
CA ALA B 191 1.19 -12.97 1.34
C ALA B 191 2.11 -14.14 1.54
N VAL B 192 2.56 -14.29 2.77
CA VAL B 192 3.38 -15.42 3.16
C VAL B 192 2.79 -15.92 4.48
N MET B 193 2.42 -17.20 4.51
CA MET B 193 1.84 -17.81 5.69
C MET B 193 2.88 -18.61 6.47
N ASP B 194 3.07 -18.25 7.74
CA ASP B 194 4.04 -18.92 8.60
C ASP B 194 3.28 -19.94 9.43
N ILE B 195 3.51 -21.22 9.16
CA ILE B 195 2.77 -22.27 9.86
C ILE B 195 3.58 -23.21 10.76
N ASP B 196 3.05 -23.45 11.95
CA ASP B 196 3.68 -24.38 12.88
C ASP B 196 3.04 -25.72 12.53
N LEU B 197 3.82 -26.61 11.93
CA LEU B 197 3.33 -27.90 11.50
C LEU B 197 2.64 -28.71 12.61
N GLY B 198 3.27 -28.80 13.77
CA GLY B 198 2.72 -29.56 14.87
C GLY B 198 1.36 -29.11 15.38
N SER B 199 1.21 -27.80 15.58
CA SER B 199 -0.05 -27.24 16.09
C SER B 199 -1.07 -26.90 15.02
N GLY B 200 -0.61 -26.75 13.77
CA GLY B 200 -1.55 -26.40 12.72
C GLY B 200 -2.06 -24.97 12.85
N THR B 201 -1.30 -24.11 13.52
CA THR B 201 -1.66 -22.72 13.68
C THR B 201 -0.74 -21.88 12.78
N ALA B 202 -1.24 -20.73 12.33
CA ALA B 202 -0.44 -19.88 11.45
C ALA B 202 -0.76 -18.41 11.60
N VAL B 203 0.11 -17.60 11.01
CA VAL B 203 -0.04 -16.16 10.99
C VAL B 203 0.31 -15.77 9.54
N THR B 204 -0.41 -14.82 8.97
CA THR B 204 -0.16 -14.39 7.60
C THR B 204 0.46 -13.01 7.55
N HIS B 205 1.48 -12.85 6.73
CA HIS B 205 2.12 -11.55 6.58
C HIS B 205 1.92 -11.08 5.14
N ARG B 206 1.36 -9.89 4.97
CA ARG B 206 1.16 -9.35 3.63
C ARG B 206 2.49 -8.77 3.15
N THR B 207 2.86 -9.08 1.92
CA THR B 207 4.13 -8.65 1.36
C THR B 207 3.98 -7.62 0.24
N TRP B 208 2.76 -7.13 0.08
CA TRP B 208 2.44 -6.14 -0.93
C TRP B 208 0.96 -5.80 -0.77
N THR B 209 0.60 -4.57 -1.12
CA THR B 209 -0.79 -4.14 -1.06
C THR B 209 -0.89 -2.98 -2.03
N PRO B 210 -2.02 -2.85 -2.72
CA PRO B 210 -2.20 -1.76 -3.68
C PRO B 210 -2.01 -0.39 -3.05
N GLY B 211 -1.35 0.51 -3.77
CA GLY B 211 -1.15 1.86 -3.28
C GLY B 211 -2.47 2.59 -3.30
N LEU B 212 -2.76 3.34 -2.23
CA LEU B 212 -4.02 4.08 -2.14
C LEU B 212 -3.83 5.54 -2.55
N SER B 213 -2.58 6.00 -2.44
CA SER B 213 -2.21 7.37 -2.79
C SER B 213 -1.91 7.48 -4.29
N ARG B 214 -1.88 8.71 -4.79
CA ARG B 214 -1.63 8.95 -6.21
C ARG B 214 -0.47 9.90 -6.48
N ARG B 215 0.26 9.61 -7.54
CA ARG B 215 1.41 10.41 -7.93
C ARG B 215 1.15 11.37 -9.10
N ILE B 216 1.71 12.57 -8.96
CA ILE B 216 1.57 13.58 -10.00
C ILE B 216 2.85 13.59 -10.82
N LEU B 217 2.71 13.45 -12.13
CA LEU B 217 3.85 13.46 -13.05
C LEU B 217 3.50 14.23 -14.30
N PRO B 218 4.41 15.09 -14.77
CA PRO B 218 4.02 15.81 -15.99
C PRO B 218 3.90 14.81 -17.14
N GLU B 219 3.05 15.11 -18.10
CA GLU B 219 2.82 14.24 -19.26
C GLU B 219 4.06 13.49 -19.79
N GLY B 220 5.04 14.25 -20.27
CA GLY B 220 6.25 13.65 -20.81
C GLY B 220 6.92 12.69 -19.85
N GLU B 221 6.97 13.05 -18.57
CA GLU B 221 7.59 12.18 -17.58
C GLU B 221 6.80 10.88 -17.40
N ALA B 222 5.48 11.00 -17.28
CA ALA B 222 4.62 9.85 -17.09
C ALA B 222 4.70 8.90 -18.27
N VAL B 223 4.48 9.43 -19.47
CA VAL B 223 4.54 8.61 -20.67
C VAL B 223 5.84 7.82 -20.74
N ALA B 224 6.96 8.48 -20.44
CA ALA B 224 8.27 7.85 -20.47
C ALA B 224 8.45 6.77 -19.40
N ALA B 225 7.87 6.97 -18.23
CA ALA B 225 8.01 5.97 -17.18
C ALA B 225 7.21 4.71 -17.54
N VAL B 226 6.03 4.91 -18.11
CA VAL B 226 5.16 3.80 -18.51
C VAL B 226 5.77 2.93 -19.61
N ARG B 227 6.34 3.58 -20.62
CA ARG B 227 6.95 2.85 -21.71
C ARG B 227 8.17 2.08 -21.18
N ALA B 228 8.96 2.74 -20.33
CA ALA B 228 10.14 2.11 -19.76
C ALA B 228 9.78 0.96 -18.81
N ALA B 229 8.72 1.13 -18.03
CA ALA B 229 8.31 0.07 -17.09
C ALA B 229 7.81 -1.15 -17.84
N LEU B 230 7.02 -0.91 -18.89
CA LEU B 230 6.46 -1.98 -19.68
C LEU B 230 7.53 -2.75 -20.44
N GLU B 231 8.44 -2.03 -21.07
CA GLU B 231 9.53 -2.65 -21.83
C GLU B 231 10.32 -3.58 -20.94
N LYS B 232 10.60 -3.11 -19.74
CA LYS B 232 11.37 -3.87 -18.76
C LYS B 232 10.64 -5.15 -18.34
N ALA B 233 9.36 -5.00 -17.99
CA ALA B 233 8.54 -6.12 -17.57
C ALA B 233 8.46 -7.18 -18.66
N VAL B 234 8.35 -6.71 -19.90
CA VAL B 234 8.27 -7.60 -21.05
C VAL B 234 9.58 -8.33 -21.30
N ALA B 235 10.69 -7.59 -21.28
CA ALA B 235 12.00 -8.18 -21.51
C ALA B 235 12.26 -9.27 -20.49
N GLN B 236 11.80 -9.04 -19.26
CA GLN B 236 11.98 -10.02 -18.19
C GLN B 236 11.18 -11.29 -18.46
N ARG B 237 10.10 -11.15 -19.22
CA ARG B 237 9.23 -12.29 -19.53
C ARG B 237 9.58 -13.01 -20.84
N VAL B 238 10.64 -12.55 -21.51
CA VAL B 238 11.07 -13.16 -22.77
C VAL B 238 12.37 -13.95 -22.59
N THR B 239 12.36 -15.22 -22.98
CA THR B 239 13.53 -16.07 -22.84
C THR B 239 14.54 -15.76 -23.94
N PRO B 240 15.80 -15.52 -23.56
CA PRO B 240 16.82 -15.23 -24.57
C PRO B 240 16.94 -16.35 -25.60
N GLY B 241 16.88 -16.00 -26.88
CA GLY B 241 17.01 -17.00 -27.92
C GLY B 241 15.69 -17.64 -28.33
N ASP B 242 14.61 -17.31 -27.62
CA ASP B 242 13.30 -17.86 -27.94
C ASP B 242 12.35 -16.73 -28.34
N THR B 243 11.67 -16.89 -29.47
CA THR B 243 10.72 -15.87 -29.89
C THR B 243 9.41 -16.21 -29.20
N PRO B 244 8.83 -15.23 -28.47
CA PRO B 244 7.57 -15.42 -27.75
C PRO B 244 6.33 -15.28 -28.62
N LEU B 245 5.20 -15.78 -28.12
CA LEU B 245 3.92 -15.69 -28.82
C LEU B 245 3.04 -14.70 -28.05
N VAL B 246 2.50 -13.71 -28.75
CA VAL B 246 1.63 -12.75 -28.09
C VAL B 246 0.20 -12.92 -28.61
N VAL B 247 -0.74 -13.07 -27.68
CA VAL B 247 -2.13 -13.18 -28.07
C VAL B 247 -2.53 -11.74 -28.39
N LEU B 248 -2.83 -11.50 -29.68
CA LEU B 248 -3.16 -10.17 -30.19
C LEU B 248 -4.62 -9.94 -30.55
N SER B 249 -5.16 -8.82 -30.11
CA SER B 249 -6.55 -8.48 -30.40
C SER B 249 -6.61 -7.22 -31.25
N GLY B 250 -5.52 -6.45 -31.27
CA GLY B 250 -5.54 -5.22 -32.04
C GLY B 250 -5.86 -4.02 -31.15
N GLY B 251 -6.22 -4.29 -29.90
CA GLY B 251 -6.51 -3.22 -28.97
C GLY B 251 -5.17 -2.72 -28.47
N ILE B 252 -5.15 -1.59 -27.78
CA ILE B 252 -3.91 -1.00 -27.28
C ILE B 252 -3.10 -1.84 -26.31
N ASP B 253 -3.77 -2.55 -25.39
CA ASP B 253 -3.08 -3.37 -24.41
C ASP B 253 -2.16 -4.44 -25.03
N SER B 254 -2.73 -5.32 -25.83
CA SER B 254 -1.96 -6.40 -26.46
C SER B 254 -0.96 -5.88 -27.49
N SER B 255 -1.36 -4.84 -28.22
CA SER B 255 -0.50 -4.21 -29.22
C SER B 255 0.74 -3.66 -28.53
N GLY B 256 0.54 -3.01 -27.39
CA GLY B 256 1.65 -2.46 -26.63
C GLY B 256 2.62 -3.56 -26.22
N VAL B 257 2.07 -4.69 -25.80
CA VAL B 257 2.90 -5.82 -25.39
C VAL B 257 3.63 -6.42 -26.60
N ALA B 258 2.93 -6.56 -27.72
CA ALA B 258 3.55 -7.10 -28.92
C ALA B 258 4.71 -6.20 -29.35
N ALA B 259 4.47 -4.90 -29.29
CA ALA B 259 5.50 -3.93 -29.66
C ALA B 259 6.72 -4.05 -28.76
N CYS B 260 6.51 -4.25 -27.46
CA CYS B 260 7.62 -4.38 -26.52
C CYS B 260 8.31 -5.73 -26.64
N ALA B 261 7.55 -6.77 -26.95
CA ALA B 261 8.11 -8.10 -27.10
C ALA B 261 8.94 -8.18 -28.38
N HIS B 262 8.44 -7.56 -29.44
CA HIS B 262 9.17 -7.57 -30.70
C HIS B 262 10.56 -6.98 -30.47
N ARG B 263 10.64 -5.87 -29.74
CA ARG B 263 11.92 -5.24 -29.46
C ARG B 263 12.85 -6.17 -28.71
N ALA B 264 12.33 -6.81 -27.66
CA ALA B 264 13.12 -7.73 -26.85
C ALA B 264 13.63 -8.96 -27.58
N ALA B 265 12.78 -9.56 -28.41
CA ALA B 265 13.17 -10.77 -29.13
C ALA B 265 13.75 -10.53 -30.53
N GLY B 266 13.63 -9.31 -31.04
CA GLY B 266 14.14 -9.02 -32.36
C GLY B 266 13.16 -9.49 -33.43
N GLU B 267 12.15 -10.24 -33.00
CA GLU B 267 11.11 -10.75 -33.88
C GLU B 267 9.94 -11.18 -32.99
N LEU B 268 8.81 -11.56 -33.60
CA LEU B 268 7.65 -11.94 -32.80
C LEU B 268 6.60 -12.80 -33.49
N ASP B 269 5.93 -13.63 -32.68
CA ASP B 269 4.86 -14.50 -33.14
C ASP B 269 3.56 -14.00 -32.50
N THR B 270 2.50 -13.88 -33.29
CA THR B 270 1.20 -13.41 -32.78
C THR B 270 0.07 -14.32 -33.23
N VAL B 271 -1.04 -14.27 -32.52
CA VAL B 271 -2.19 -15.08 -32.87
C VAL B 271 -3.48 -14.36 -32.46
N SER B 272 -4.50 -14.45 -33.31
CA SER B 272 -5.77 -13.81 -33.02
C SER B 272 -6.89 -14.83 -33.15
N MET B 273 -7.84 -14.77 -32.23
CA MET B 273 -8.96 -15.69 -32.24
C MET B 273 -10.25 -14.94 -32.57
N GLY B 274 -11.11 -15.59 -33.34
CA GLY B 274 -12.36 -14.97 -33.71
C GLY B 274 -13.41 -16.04 -33.81
N THR B 275 -14.67 -15.64 -33.92
CA THR B 275 -15.74 -16.60 -34.04
C THR B 275 -16.44 -16.37 -35.37
N ASP B 276 -17.54 -17.08 -35.57
CA ASP B 276 -18.30 -16.95 -36.81
C ASP B 276 -19.20 -15.73 -36.78
N THR B 277 -19.20 -15.00 -35.66
CA THR B 277 -20.02 -13.80 -35.54
C THR B 277 -19.15 -12.54 -35.46
N SER B 278 -18.11 -12.56 -34.64
CA SER B 278 -17.26 -11.38 -34.49
C SER B 278 -15.77 -11.71 -34.41
N ASN B 279 -14.96 -10.75 -34.83
CA ASN B 279 -13.50 -10.88 -34.81
C ASN B 279 -12.90 -9.48 -34.96
N GLU B 280 -11.60 -9.37 -34.68
CA GLU B 280 -10.89 -8.11 -34.80
C GLU B 280 -9.65 -8.30 -35.65
N PHE B 281 -9.72 -9.28 -36.53
CA PHE B 281 -8.63 -9.62 -37.43
C PHE B 281 -8.07 -8.41 -38.17
N ARG B 282 -8.95 -7.56 -38.69
CA ARG B 282 -8.52 -6.36 -39.43
C ARG B 282 -7.62 -5.50 -38.55
N GLU B 283 -8.14 -5.12 -37.39
CA GLU B 283 -7.41 -4.29 -36.44
C GLU B 283 -6.08 -4.91 -36.05
N ALA B 284 -6.09 -6.22 -35.82
CA ALA B 284 -4.87 -6.93 -35.43
C ALA B 284 -3.83 -6.90 -36.55
N ARG B 285 -4.26 -7.19 -37.78
CA ARG B 285 -3.35 -7.23 -38.93
C ARG B 285 -2.60 -5.92 -39.10
N ALA B 286 -3.23 -4.81 -38.75
CA ALA B 286 -2.57 -3.51 -38.87
C ALA B 286 -1.29 -3.58 -38.06
N VAL B 287 -1.39 -4.15 -36.86
CA VAL B 287 -0.24 -4.30 -35.96
C VAL B 287 0.70 -5.36 -36.49
N VAL B 288 0.14 -6.42 -37.05
CA VAL B 288 0.94 -7.51 -37.61
C VAL B 288 1.87 -6.98 -38.71
N ASP B 289 1.32 -6.14 -39.59
CA ASP B 289 2.10 -5.58 -40.69
C ASP B 289 3.10 -4.57 -40.20
N HIS B 290 2.70 -3.76 -39.24
CA HIS B 290 3.58 -2.73 -38.69
C HIS B 290 4.85 -3.30 -38.05
N LEU B 291 4.71 -4.45 -37.39
CA LEU B 291 5.83 -5.10 -36.72
C LEU B 291 6.39 -6.27 -37.51
N ARG B 292 5.64 -6.72 -38.52
CA ARG B 292 6.05 -7.85 -39.34
C ARG B 292 6.17 -9.12 -38.50
N THR B 293 5.09 -9.47 -37.82
CA THR B 293 5.08 -10.67 -36.99
C THR B 293 4.56 -11.89 -37.76
N ARG B 294 4.83 -13.06 -37.23
CA ARG B 294 4.35 -14.30 -37.82
C ARG B 294 2.97 -14.45 -37.17
N HIS B 295 1.93 -14.17 -37.95
CA HIS B 295 0.56 -14.19 -37.46
C HIS B 295 -0.25 -15.44 -37.79
N ARG B 296 -1.18 -15.77 -36.89
CA ARG B 296 -2.04 -16.91 -37.03
C ARG B 296 -3.44 -16.48 -36.62
N GLU B 297 -4.40 -16.55 -37.54
CA GLU B 297 -5.78 -16.22 -37.23
C GLU B 297 -6.54 -17.52 -37.01
N ILE B 298 -7.25 -17.60 -35.89
CA ILE B 298 -8.02 -18.79 -35.53
C ILE B 298 -9.51 -18.46 -35.43
N THR B 299 -10.31 -19.09 -36.28
CA THR B 299 -11.75 -18.87 -36.25
C THR B 299 -12.41 -20.16 -35.79
N ILE B 300 -13.26 -20.09 -34.78
CA ILE B 300 -13.98 -21.27 -34.32
C ILE B 300 -15.44 -20.91 -34.15
N PRO B 301 -16.35 -21.87 -34.34
CA PRO B 301 -17.77 -21.56 -34.18
C PRO B 301 -18.09 -21.08 -32.78
N THR B 302 -19.15 -20.30 -32.65
CA THR B 302 -19.56 -19.79 -31.35
C THR B 302 -19.98 -20.94 -30.46
N THR B 303 -20.51 -21.99 -31.06
CA THR B 303 -20.93 -23.18 -30.31
C THR B 303 -19.68 -23.81 -29.72
N GLU B 304 -18.59 -23.80 -30.46
CA GLU B 304 -17.33 -24.38 -29.98
C GLU B 304 -16.75 -23.53 -28.85
N LEU B 305 -17.02 -22.22 -28.90
CA LEU B 305 -16.54 -21.31 -27.86
C LEU B 305 -17.34 -21.55 -26.58
N LEU B 306 -18.65 -21.68 -26.72
CA LEU B 306 -19.49 -21.91 -25.55
C LEU B 306 -19.17 -23.26 -24.94
N ALA B 307 -18.75 -24.20 -25.78
CA ALA B 307 -18.40 -25.55 -25.33
C ALA B 307 -17.24 -25.52 -24.33
N GLN B 308 -16.42 -24.49 -24.39
CA GLN B 308 -15.28 -24.36 -23.48
C GLN B 308 -15.71 -23.99 -22.05
N LEU B 309 -17.00 -23.74 -21.84
CA LEU B 309 -17.50 -23.36 -20.51
C LEU B 309 -16.99 -24.22 -19.36
N PRO B 310 -17.18 -25.55 -19.44
CA PRO B 310 -16.69 -26.36 -18.32
C PRO B 310 -15.17 -26.30 -18.13
N TYR B 311 -14.44 -26.14 -19.22
CA TYR B 311 -12.98 -26.07 -19.17
C TYR B 311 -12.53 -24.80 -18.46
N ALA B 312 -13.19 -23.69 -18.73
CA ALA B 312 -12.83 -22.43 -18.10
C ALA B 312 -13.01 -22.54 -16.58
N VAL B 313 -14.13 -23.14 -16.17
CA VAL B 313 -14.42 -23.30 -14.74
C VAL B 313 -13.43 -24.26 -14.09
N TRP B 314 -13.11 -25.32 -14.80
CA TRP B 314 -12.18 -26.34 -14.32
C TRP B 314 -10.76 -25.81 -14.14
N ALA B 315 -10.31 -24.98 -15.08
CA ALA B 315 -8.96 -24.43 -15.04
C ALA B 315 -8.80 -23.28 -14.05
N SER B 316 -9.74 -22.33 -14.07
CA SER B 316 -9.67 -21.17 -13.18
C SER B 316 -10.17 -21.47 -11.77
N GLU B 317 -11.06 -22.44 -11.65
CA GLU B 317 -11.64 -22.80 -10.35
C GLU B 317 -12.41 -21.65 -9.73
N SER B 318 -12.95 -20.77 -10.58
CA SER B 318 -13.76 -19.62 -10.16
C SER B 318 -15.24 -19.93 -10.42
N VAL B 319 -16.14 -19.40 -9.59
CA VAL B 319 -17.58 -19.61 -9.76
C VAL B 319 -18.26 -18.30 -10.12
N ASP B 320 -17.46 -17.30 -10.44
CA ASP B 320 -17.96 -15.99 -10.82
C ASP B 320 -18.24 -15.93 -12.32
N PRO B 321 -19.52 -15.81 -12.70
CA PRO B 321 -19.93 -15.76 -14.10
C PRO B 321 -19.18 -14.72 -14.93
N ASP B 322 -18.93 -13.56 -14.34
CA ASP B 322 -18.22 -12.50 -15.07
C ASP B 322 -16.81 -12.96 -15.46
N ILE B 323 -16.13 -13.63 -14.53
CA ILE B 323 -14.78 -14.09 -14.78
C ILE B 323 -14.78 -15.19 -15.82
N ILE B 324 -15.65 -16.18 -15.61
CA ILE B 324 -15.74 -17.29 -16.53
C ILE B 324 -16.03 -16.80 -17.94
N GLU B 325 -16.95 -15.84 -18.07
CA GLU B 325 -17.29 -15.32 -19.39
C GLU B 325 -16.09 -14.75 -20.13
N TYR B 326 -15.34 -13.86 -19.49
CA TYR B 326 -14.19 -13.27 -20.18
C TYR B 326 -13.01 -14.23 -20.37
N LEU B 327 -13.03 -15.37 -19.69
CA LEU B 327 -11.96 -16.35 -19.81
C LEU B 327 -12.25 -17.35 -20.93
N LEU B 328 -13.53 -17.53 -21.25
CA LEU B 328 -13.92 -18.46 -22.31
C LEU B 328 -13.14 -18.27 -23.60
N PRO B 329 -13.12 -17.04 -24.14
CA PRO B 329 -12.37 -16.81 -25.38
C PRO B 329 -10.92 -17.27 -25.27
N LEU B 330 -10.31 -16.97 -24.13
CA LEU B 330 -8.92 -17.32 -23.91
C LEU B 330 -8.63 -18.82 -23.83
N THR B 331 -9.42 -19.57 -23.07
CA THR B 331 -9.12 -20.99 -22.97
C THR B 331 -9.34 -21.67 -24.32
N ALA B 332 -10.30 -21.17 -25.09
CA ALA B 332 -10.57 -21.73 -26.41
C ALA B 332 -9.34 -21.52 -27.31
N LEU B 333 -8.71 -20.36 -27.17
CA LEU B 333 -7.53 -20.03 -27.96
C LEU B 333 -6.31 -20.88 -27.58
N TYR B 334 -6.05 -20.99 -26.28
CA TYR B 334 -4.90 -21.79 -25.84
C TYR B 334 -5.07 -23.24 -26.28
N ARG B 335 -6.29 -23.76 -26.15
CA ARG B 335 -6.57 -25.13 -26.54
C ARG B 335 -6.49 -25.33 -28.04
N ALA B 336 -6.76 -24.28 -28.81
CA ALA B 336 -6.73 -24.38 -30.26
C ALA B 336 -5.33 -24.24 -30.87
N LEU B 337 -4.40 -23.66 -30.13
CA LEU B 337 -3.05 -23.49 -30.67
C LEU B 337 -2.43 -24.80 -31.17
N ASP B 338 -1.72 -24.71 -32.29
CA ASP B 338 -1.07 -25.87 -32.90
C ASP B 338 0.45 -25.72 -32.84
N GLY B 339 1.14 -26.82 -32.60
CA GLY B 339 2.58 -26.76 -32.54
C GLY B 339 3.12 -27.01 -31.15
N PRO B 340 4.38 -26.61 -30.90
CA PRO B 340 5.10 -26.75 -29.63
C PRO B 340 4.45 -25.93 -28.52
N GLU B 341 4.77 -26.27 -27.28
CA GLU B 341 4.26 -25.54 -26.14
C GLU B 341 4.95 -24.19 -26.25
N ARG B 342 4.19 -23.11 -26.02
CA ARG B 342 4.75 -21.77 -26.16
C ARG B 342 4.80 -20.96 -24.86
N ARG B 343 5.62 -19.90 -24.90
CA ARG B 343 5.73 -18.94 -23.81
C ARG B 343 4.91 -17.80 -24.38
N ILE B 344 3.76 -17.55 -23.77
CA ILE B 344 2.85 -16.52 -24.22
C ILE B 344 2.77 -15.29 -23.32
N LEU B 345 2.71 -14.10 -23.94
CA LEU B 345 2.54 -12.85 -23.21
C LEU B 345 1.21 -12.27 -23.67
N THR B 346 0.48 -11.66 -22.75
CA THR B 346 -0.82 -11.11 -23.08
C THR B 346 -0.97 -9.70 -22.59
N GLY B 347 -2.01 -9.03 -23.07
CA GLY B 347 -2.27 -7.67 -22.65
C GLY B 347 -3.29 -7.65 -21.52
N TYR B 348 -3.48 -8.79 -20.84
CA TYR B 348 -4.46 -8.84 -19.75
C TYR B 348 -4.26 -7.87 -18.60
N GLY B 349 -5.38 -7.36 -18.10
CA GLY B 349 -5.40 -6.48 -16.95
C GLY B 349 -4.97 -5.03 -17.02
N ALA B 350 -4.60 -4.53 -18.20
CA ALA B 350 -4.18 -3.15 -18.28
C ALA B 350 -5.35 -2.25 -17.97
N ASP B 351 -6.55 -2.74 -18.25
CA ASP B 351 -7.77 -1.96 -18.03
C ASP B 351 -8.11 -1.68 -16.58
N ILE B 352 -7.61 -2.48 -15.65
CA ILE B 352 -7.94 -2.22 -14.27
C ILE B 352 -7.22 -1.00 -13.66
N PRO B 353 -5.88 -1.02 -13.62
CA PRO B 353 -5.22 0.16 -13.04
C PRO B 353 -5.34 1.43 -13.90
N LEU B 354 -5.72 1.26 -15.17
CA LEU B 354 -5.85 2.39 -16.08
C LEU B 354 -7.26 2.93 -16.25
N GLY B 355 -8.22 2.29 -15.60
CA GLY B 355 -9.61 2.73 -15.70
C GLY B 355 -10.11 2.58 -17.13
N GLY B 356 -9.82 1.42 -17.72
CA GLY B 356 -10.23 1.16 -19.09
C GLY B 356 -11.72 1.15 -19.38
N MET B 357 -12.52 0.84 -18.38
CA MET B 357 -13.97 0.79 -18.54
C MET B 357 -14.61 2.16 -18.29
N HIS B 358 -13.85 3.08 -17.73
CA HIS B 358 -14.34 4.43 -17.44
C HIS B 358 -14.61 5.13 -18.78
N ARG B 359 -15.81 5.68 -18.97
CA ARG B 359 -16.11 6.29 -20.26
C ARG B 359 -16.45 7.79 -20.33
N GLU B 360 -15.91 8.60 -19.43
CA GLU B 360 -16.19 10.03 -19.52
C GLU B 360 -15.02 10.85 -18.99
N ASP B 361 -15.02 12.14 -19.29
CA ASP B 361 -13.94 13.03 -18.89
C ASP B 361 -13.84 13.37 -17.40
N ARG B 362 -14.96 13.35 -16.68
CA ARG B 362 -14.89 13.64 -15.26
C ARG B 362 -14.18 12.47 -14.57
N LEU B 363 -13.19 12.81 -13.76
CA LEU B 363 -12.34 11.82 -13.12
C LEU B 363 -12.71 11.11 -11.80
N PRO B 364 -13.61 11.70 -10.98
CA PRO B 364 -13.94 11.03 -9.72
C PRO B 364 -14.29 9.54 -9.76
N ALA B 365 -15.22 9.15 -10.62
CA ALA B 365 -15.62 7.75 -10.71
C ALA B 365 -14.50 6.81 -11.13
N LEU B 366 -13.53 7.32 -11.90
CA LEU B 366 -12.43 6.46 -12.34
C LEU B 366 -11.62 5.94 -11.14
N ASP B 367 -11.34 6.81 -10.17
CA ASP B 367 -10.59 6.42 -8.98
C ASP B 367 -11.44 5.57 -8.03
N THR B 368 -12.74 5.84 -7.98
CA THR B 368 -13.64 5.08 -7.11
C THR B 368 -13.64 3.63 -7.56
N VAL B 369 -13.82 3.43 -8.85
CA VAL B 369 -13.85 2.09 -9.41
C VAL B 369 -12.48 1.43 -9.30
N LEU B 370 -11.41 2.21 -9.52
CA LEU B 370 -10.04 1.71 -9.46
C LEU B 370 -9.74 1.14 -8.08
N ALA B 371 -10.01 1.94 -7.05
CA ALA B 371 -9.74 1.55 -5.67
C ALA B 371 -10.53 0.31 -5.28
N HIS B 372 -11.75 0.19 -5.80
CA HIS B 372 -12.61 -0.95 -5.53
C HIS B 372 -12.03 -2.19 -6.20
N ASP B 373 -11.57 -2.02 -7.44
CA ASP B 373 -10.97 -3.12 -8.19
C ASP B 373 -9.72 -3.67 -7.56
N MET B 374 -8.81 -2.80 -7.13
CA MET B 374 -7.56 -3.26 -6.52
C MET B 374 -7.79 -3.89 -5.16
N ALA B 375 -8.97 -3.64 -4.59
CA ALA B 375 -9.28 -4.22 -3.28
C ALA B 375 -10.04 -5.53 -3.43
N THR B 376 -10.54 -5.81 -4.63
CA THR B 376 -11.33 -7.01 -4.85
C THR B 376 -10.86 -8.00 -5.92
N PHE B 377 -9.62 -7.88 -6.39
CA PHE B 377 -9.15 -8.80 -7.42
C PHE B 377 -8.74 -10.17 -6.88
N ASP B 378 -8.33 -10.21 -5.62
CA ASP B 378 -7.88 -11.46 -5.02
C ASP B 378 -8.99 -12.50 -4.88
N GLY B 379 -8.77 -13.67 -5.48
CA GLY B 379 -9.74 -14.75 -5.46
C GLY B 379 -10.44 -14.92 -6.81
N LEU B 380 -10.22 -13.99 -7.72
CA LEU B 380 -10.82 -14.06 -9.05
C LEU B 380 -10.07 -15.03 -9.95
N ASN B 381 -8.81 -15.29 -9.61
CA ASN B 381 -7.95 -16.20 -10.39
C ASN B 381 -7.95 -15.90 -11.89
N GLU B 382 -8.25 -14.66 -12.26
CA GLU B 382 -8.28 -14.27 -13.68
C GLU B 382 -6.98 -14.53 -14.43
N MET B 383 -5.85 -14.47 -13.73
CA MET B 383 -4.54 -14.66 -14.34
C MET B 383 -3.92 -16.03 -14.15
N SER B 384 -4.67 -16.98 -13.60
CA SER B 384 -4.12 -18.32 -13.38
C SER B 384 -3.44 -18.90 -14.61
N PRO B 385 -2.24 -19.48 -14.43
CA PRO B 385 -1.54 -20.07 -15.58
C PRO B 385 -2.25 -21.32 -16.10
N VAL B 386 -3.03 -21.98 -15.23
CA VAL B 386 -3.74 -23.21 -15.59
C VAL B 386 -4.62 -23.05 -16.83
N LEU B 387 -5.06 -21.82 -17.08
CA LEU B 387 -5.89 -21.51 -18.24
C LEU B 387 -5.20 -21.87 -19.55
N SER B 388 -3.87 -21.80 -19.56
CA SER B 388 -3.12 -22.13 -20.75
C SER B 388 -2.27 -23.38 -20.57
N THR B 389 -1.90 -23.71 -19.34
CA THR B 389 -1.08 -24.90 -19.11
C THR B 389 -1.91 -26.17 -19.23
N LEU B 390 -3.23 -26.03 -19.31
CA LEU B 390 -4.09 -27.19 -19.47
C LEU B 390 -3.85 -27.71 -20.88
N ALA B 391 -3.23 -26.87 -21.71
CA ALA B 391 -2.90 -27.22 -23.08
C ALA B 391 -1.38 -27.21 -23.24
N GLY B 392 -0.66 -27.11 -22.12
CA GLY B 392 0.78 -27.13 -22.15
C GLY B 392 1.52 -25.82 -22.37
N HIS B 393 0.78 -24.73 -22.56
CA HIS B 393 1.40 -23.43 -22.80
C HIS B 393 1.53 -22.59 -21.53
N TRP B 394 2.62 -21.82 -21.46
CA TRP B 394 2.85 -20.93 -20.33
C TRP B 394 2.42 -19.51 -20.70
N THR B 395 1.67 -18.85 -19.81
CA THR B 395 1.24 -17.48 -20.02
C THR B 395 1.72 -16.55 -18.90
N THR B 396 2.15 -15.36 -19.27
CA THR B 396 2.58 -14.36 -18.29
C THR B 396 1.93 -13.04 -18.70
N HIS B 397 1.66 -12.18 -17.71
CA HIS B 397 0.95 -10.92 -17.94
C HIS B 397 1.68 -9.66 -17.50
N PRO B 398 2.44 -9.03 -18.40
CA PRO B 398 3.21 -7.82 -18.13
C PRO B 398 2.53 -6.67 -17.37
N TYR B 399 1.28 -6.33 -17.69
CA TYR B 399 0.65 -5.21 -16.98
C TYR B 399 0.49 -5.42 -15.49
N TRP B 400 0.41 -6.68 -15.05
CA TRP B 400 0.29 -6.94 -13.62
C TRP B 400 1.62 -7.30 -12.98
N ASP B 401 2.70 -6.93 -13.67
CA ASP B 401 4.05 -7.11 -13.16
C ASP B 401 4.08 -6.15 -11.96
N ARG B 402 4.80 -6.49 -10.90
CA ARG B 402 4.80 -5.60 -9.72
C ARG B 402 5.18 -4.14 -9.99
N GLU B 403 6.28 -3.90 -10.69
CA GLU B 403 6.68 -2.53 -10.98
C GLU B 403 5.69 -1.83 -11.91
N VAL B 404 5.22 -2.52 -12.95
CA VAL B 404 4.27 -1.88 -13.86
C VAL B 404 2.96 -1.59 -13.12
N LEU B 405 2.43 -2.58 -12.42
CA LEU B 405 1.19 -2.39 -11.69
C LEU B 405 1.31 -1.21 -10.72
N ASP B 406 2.37 -1.18 -9.90
CA ASP B 406 2.53 -0.09 -8.92
C ASP B 406 2.53 1.27 -9.61
N LEU B 407 3.27 1.37 -10.71
CA LEU B 407 3.34 2.61 -11.44
C LEU B 407 1.99 3.03 -11.98
N LEU B 408 1.31 2.11 -12.65
CA LEU B 408 0.01 2.43 -13.23
C LEU B 408 -1.05 2.78 -12.21
N VAL B 409 -1.09 2.04 -11.10
CA VAL B 409 -2.06 2.31 -10.05
C VAL B 409 -1.82 3.68 -9.42
N SER B 410 -0.55 4.04 -9.27
CA SER B 410 -0.18 5.30 -8.64
C SER B 410 -0.50 6.57 -9.40
N LEU B 411 -0.48 6.53 -10.73
CA LEU B 411 -0.74 7.74 -11.52
C LEU B 411 -2.09 8.38 -11.27
N GLU B 412 -2.08 9.70 -11.11
CA GLU B 412 -3.31 10.44 -10.88
C GLU B 412 -4.26 10.20 -12.06
N ALA B 413 -5.56 10.24 -11.77
CA ALA B 413 -6.58 9.98 -12.77
C ALA B 413 -6.54 10.79 -14.07
N GLY B 414 -6.04 12.02 -14.01
CA GLY B 414 -5.97 12.84 -15.21
C GLY B 414 -4.95 12.37 -16.23
N LEU B 415 -4.21 11.33 -15.87
CA LEU B 415 -3.18 10.77 -16.74
C LEU B 415 -3.78 9.54 -17.42
N LYS B 416 -4.86 9.01 -16.86
CA LYS B 416 -5.53 7.82 -17.39
C LYS B 416 -6.67 8.19 -18.33
N ARG B 417 -7.35 9.30 -18.04
CA ARG B 417 -8.43 9.81 -18.88
C ARG B 417 -7.96 11.22 -19.20
N ARG B 418 -7.37 11.40 -20.38
CA ARG B 418 -6.84 12.69 -20.75
C ARG B 418 -7.10 12.98 -22.23
N HIS B 419 -7.38 14.24 -22.55
CA HIS B 419 -7.63 14.66 -23.93
C HIS B 419 -8.77 13.86 -24.58
N GLY B 420 -9.77 13.53 -23.78
CA GLY B 420 -10.91 12.78 -24.29
C GLY B 420 -10.65 11.31 -24.62
N ARG B 421 -9.45 10.82 -24.32
CA ARG B 421 -9.14 9.42 -24.63
C ARG B 421 -9.02 8.57 -23.36
N ASP B 422 -9.33 7.28 -23.47
CA ASP B 422 -9.24 6.37 -22.34
C ASP B 422 -7.82 5.87 -22.26
N LYS B 423 -7.39 5.49 -21.05
CA LYS B 423 -6.04 4.97 -20.84
C LYS B 423 -5.00 5.80 -21.62
N TRP B 424 -5.13 7.13 -21.55
CA TRP B 424 -4.24 8.00 -22.28
C TRP B 424 -2.75 7.74 -22.18
N VAL B 425 -2.22 7.72 -20.96
CA VAL B 425 -0.78 7.52 -20.79
C VAL B 425 -0.21 6.29 -21.50
N LEU B 426 -0.97 5.20 -21.61
CA LEU B 426 -0.49 3.99 -22.28
C LEU B 426 -0.43 4.20 -23.80
N ARG B 427 -1.50 4.80 -24.34
CA ARG B 427 -1.58 5.05 -25.76
C ARG B 427 -0.42 5.95 -26.20
N ALA B 428 -0.21 7.02 -25.44
CA ALA B 428 0.86 7.98 -25.74
C ALA B 428 2.22 7.31 -25.59
N ALA B 429 2.32 6.34 -24.67
CA ALA B 429 3.57 5.64 -24.44
C ALA B 429 3.95 4.72 -25.60
N MET B 430 2.96 4.22 -26.31
CA MET B 430 3.23 3.31 -27.42
C MET B 430 3.06 3.97 -28.78
N ALA B 431 2.64 5.23 -28.79
CA ALA B 431 2.41 5.97 -30.03
C ALA B 431 3.49 5.86 -31.10
N ASP B 432 4.76 5.85 -30.71
CA ASP B 432 5.86 5.78 -31.67
C ASP B 432 6.28 4.37 -32.06
N ALA B 433 5.59 3.36 -31.53
CA ALA B 433 5.92 1.97 -31.84
C ALA B 433 4.78 1.23 -32.53
N LEU B 434 3.64 1.90 -32.69
CA LEU B 434 2.47 1.30 -33.32
C LEU B 434 1.78 2.22 -34.31
N PRO B 435 0.95 1.66 -35.20
CA PRO B 435 0.27 2.51 -36.16
C PRO B 435 -0.72 3.46 -35.48
N ALA B 436 -0.95 4.61 -36.09
CA ALA B 436 -1.86 5.61 -35.53
C ALA B 436 -3.25 5.05 -35.27
N GLU B 437 -3.78 4.27 -36.20
CA GLU B 437 -5.13 3.74 -36.02
C GLU B 437 -5.24 2.91 -34.74
N THR B 438 -4.15 2.23 -34.37
CA THR B 438 -4.15 1.41 -33.16
C THR B 438 -4.16 2.25 -31.89
N VAL B 439 -3.24 3.20 -31.79
CA VAL B 439 -3.16 4.06 -30.61
C VAL B 439 -4.40 4.95 -30.47
N ASN B 440 -5.06 5.27 -31.59
CA ASN B 440 -6.25 6.13 -31.53
C ASN B 440 -7.60 5.43 -31.40
N ARG B 441 -7.66 4.14 -31.68
CA ARG B 441 -8.92 3.41 -31.59
C ARG B 441 -9.36 3.27 -30.13
N PRO B 442 -10.49 3.91 -29.76
CA PRO B 442 -11.00 3.84 -28.39
C PRO B 442 -11.31 2.40 -28.01
N LYS B 443 -11.44 2.13 -26.71
CA LYS B 443 -11.75 0.79 -26.27
C LYS B 443 -13.23 0.52 -26.56
N LEU B 444 -13.95 1.58 -26.93
CA LEU B 444 -15.38 1.50 -27.26
C LEU B 444 -15.65 0.66 -28.51
N GLY B 445 -16.84 0.82 -29.09
CA GLY B 445 -17.21 0.08 -30.29
C GLY B 445 -17.35 -1.42 -30.13
N THR B 452 -24.05 -4.75 -28.45
CA THR B 452 -23.84 -6.19 -28.76
C THR B 452 -23.70 -7.02 -27.49
N THR B 453 -24.35 -8.16 -27.46
CA THR B 453 -24.33 -9.06 -26.32
C THR B 453 -23.22 -10.10 -26.46
N SER B 454 -22.75 -10.63 -25.32
CA SER B 454 -21.70 -11.65 -25.32
C SER B 454 -22.30 -13.02 -25.60
N SER B 455 -21.48 -13.93 -26.14
CA SER B 455 -21.93 -15.28 -26.45
C SER B 455 -22.69 -15.96 -25.32
N PHE B 456 -22.08 -15.98 -24.14
CA PHE B 456 -22.67 -16.60 -22.97
C PHE B 456 -24.06 -16.02 -22.67
N SER B 457 -24.21 -14.72 -22.82
CA SER B 457 -25.51 -14.08 -22.59
C SER B 457 -26.47 -14.48 -23.71
N ARG B 458 -25.99 -14.37 -24.95
CA ARG B 458 -26.76 -14.73 -26.16
C ARG B 458 -27.24 -16.17 -26.10
N LEU B 459 -26.43 -17.08 -25.63
CA LEU B 459 -26.87 -18.45 -25.33
C LEU B 459 -28.16 -18.47 -24.50
N LEU B 460 -28.12 -17.77 -23.40
CA LEU B 460 -29.21 -17.88 -22.39
C LEU B 460 -30.42 -17.17 -22.94
N LEU B 461 -30.09 -16.09 -23.67
CA LEU B 461 -31.14 -15.31 -24.32
C LEU B 461 -31.82 -16.20 -25.35
N ASP B 462 -31.02 -17.01 -26.06
CA ASP B 462 -31.54 -17.92 -27.07
C ASP B 462 -32.37 -19.06 -26.46
N HIS B 463 -32.26 -19.23 -25.15
CA HIS B 463 -32.99 -20.28 -24.46
C HIS B 463 -34.30 -19.72 -23.91
N GLY B 464 -34.52 -18.44 -24.15
CA GLY B 464 -35.75 -17.80 -23.70
C GLY B 464 -35.70 -17.20 -22.31
N VAL B 465 -34.50 -17.06 -21.75
CA VAL B 465 -34.36 -16.47 -20.42
C VAL B 465 -34.50 -14.96 -20.50
N ALA B 466 -35.33 -14.38 -19.64
CA ALA B 466 -35.54 -12.94 -19.63
C ALA B 466 -34.20 -12.24 -19.43
N GLU B 467 -33.99 -11.10 -20.08
CA GLU B 467 -32.72 -10.40 -19.96
C GLU B 467 -32.29 -10.05 -18.53
N ASP B 468 -33.24 -9.64 -17.70
CA ASP B 468 -32.91 -9.28 -16.32
C ASP B 468 -32.78 -10.50 -15.42
N ARG B 469 -32.58 -11.67 -16.01
CA ARG B 469 -32.41 -12.90 -15.26
C ARG B 469 -31.27 -13.69 -15.88
N VAL B 470 -30.67 -13.11 -16.91
CA VAL B 470 -29.55 -13.76 -17.60
C VAL B 470 -28.35 -13.93 -16.68
N HIS B 471 -27.87 -12.81 -16.13
CA HIS B 471 -26.71 -12.85 -15.26
C HIS B 471 -26.86 -13.94 -14.19
N GLU B 472 -27.93 -13.89 -13.43
CA GLU B 472 -28.16 -14.89 -12.39
C GLU B 472 -28.20 -16.30 -12.97
N ALA B 473 -28.69 -16.44 -14.19
CA ALA B 473 -28.75 -17.75 -14.83
C ALA B 473 -27.36 -18.25 -15.16
N LYS B 474 -26.49 -17.33 -15.54
CA LYS B 474 -25.11 -17.66 -15.87
C LYS B 474 -24.37 -18.06 -14.60
N ARG B 475 -24.90 -17.60 -13.46
CA ARG B 475 -24.32 -17.90 -12.16
C ARG B 475 -24.63 -19.34 -11.79
N GLN B 476 -25.88 -19.77 -12.03
CA GLN B 476 -26.28 -21.14 -11.74
C GLN B 476 -25.54 -22.11 -12.65
N VAL B 477 -25.27 -21.66 -13.88
CA VAL B 477 -24.56 -22.50 -14.85
C VAL B 477 -23.12 -22.72 -14.40
N VAL B 478 -22.41 -21.62 -14.14
CA VAL B 478 -21.02 -21.69 -13.70
C VAL B 478 -20.88 -22.49 -12.39
N ARG B 479 -21.85 -22.33 -11.49
CA ARG B 479 -21.85 -23.03 -10.21
C ARG B 479 -21.95 -24.55 -10.34
N GLU B 480 -22.89 -25.01 -11.16
CA GLU B 480 -23.08 -26.45 -11.35
C GLU B 480 -21.88 -27.08 -12.06
N LEU B 481 -21.26 -26.33 -12.97
CA LEU B 481 -20.09 -26.82 -13.71
C LEU B 481 -18.92 -26.96 -12.74
N PHE B 482 -18.88 -26.09 -11.72
CA PHE B 482 -17.82 -26.14 -10.71
C PHE B 482 -18.05 -27.40 -9.88
N ASP B 483 -19.27 -27.58 -9.40
CA ASP B 483 -19.61 -28.74 -8.59
C ASP B 483 -19.30 -30.04 -9.33
N LEU B 484 -19.61 -30.08 -10.62
CA LEU B 484 -19.35 -31.27 -11.43
C LEU B 484 -17.85 -31.54 -11.63
N THR B 485 -17.10 -30.51 -12.04
CA THR B 485 -15.68 -30.69 -12.29
C THR B 485 -14.74 -30.50 -11.09
N VAL B 486 -14.56 -29.26 -10.64
CA VAL B 486 -13.67 -28.98 -9.51
C VAL B 486 -14.04 -29.70 -8.21
N GLY B 487 -15.32 -29.63 -7.84
CA GLY B 487 -15.75 -30.28 -6.61
C GLY B 487 -16.44 -31.61 -6.82
N GLY B 488 -16.33 -32.16 -8.02
CA GLY B 488 -16.98 -33.43 -8.33
C GLY B 488 -16.03 -34.51 -8.81
N GLY B 489 -15.05 -34.12 -9.62
CA GLY B 489 -14.07 -35.08 -10.12
C GLY B 489 -14.22 -35.46 -11.58
N ARG B 490 -15.13 -34.80 -12.28
CA ARG B 490 -15.37 -35.09 -13.69
C ARG B 490 -14.56 -34.15 -14.59
N HIS B 491 -13.98 -34.70 -15.65
CA HIS B 491 -13.20 -33.91 -16.59
C HIS B 491 -14.22 -33.14 -17.43
N PRO B 492 -13.90 -31.90 -17.84
CA PRO B 492 -14.79 -31.07 -18.65
C PRO B 492 -15.35 -31.78 -19.88
N SER B 493 -14.58 -32.70 -20.44
CA SER B 493 -15.01 -33.43 -21.63
C SER B 493 -16.21 -34.33 -21.41
N GLU B 494 -16.39 -34.82 -20.19
CA GLU B 494 -17.52 -35.71 -19.93
C GLU B 494 -18.68 -34.98 -19.26
N VAL B 495 -18.76 -33.68 -19.50
CA VAL B 495 -19.80 -32.84 -18.94
C VAL B 495 -20.76 -32.35 -20.03
N ASP B 496 -22.05 -32.65 -19.86
CA ASP B 496 -23.08 -32.24 -20.81
C ASP B 496 -23.50 -30.80 -20.53
N THR B 497 -22.79 -29.87 -21.14
CA THR B 497 -23.06 -28.44 -20.96
C THR B 497 -24.46 -28.04 -21.42
N ASP B 498 -24.93 -28.68 -22.48
CA ASP B 498 -26.26 -28.41 -23.02
C ASP B 498 -27.31 -28.71 -21.98
N ASP B 499 -27.18 -29.85 -21.30
CA ASP B 499 -28.14 -30.22 -20.28
C ASP B 499 -28.11 -29.23 -19.14
N VAL B 500 -26.90 -28.90 -18.67
CA VAL B 500 -26.74 -27.97 -17.57
C VAL B 500 -27.44 -26.65 -17.87
N VAL B 501 -27.17 -26.11 -19.06
CA VAL B 501 -27.76 -24.86 -19.47
C VAL B 501 -29.27 -25.01 -19.66
N ARG B 502 -29.68 -26.16 -20.16
CA ARG B 502 -31.09 -26.44 -20.39
C ARG B 502 -31.82 -26.46 -19.04
N SER B 503 -31.18 -27.09 -18.05
CA SER B 503 -31.74 -27.21 -16.71
C SER B 503 -31.88 -25.85 -16.03
N VAL B 504 -30.81 -25.06 -16.06
CA VAL B 504 -30.83 -23.75 -15.46
C VAL B 504 -31.91 -22.89 -16.10
N ALA B 505 -31.99 -22.94 -17.43
CA ALA B 505 -32.99 -22.17 -18.18
C ALA B 505 -34.39 -22.57 -17.73
N ASP B 506 -34.64 -23.86 -17.57
CA ASP B 506 -35.94 -24.33 -17.14
C ASP B 506 -36.30 -23.77 -15.77
N ARG B 507 -35.36 -23.89 -14.83
CA ARG B 507 -35.56 -23.40 -13.47
C ARG B 507 -35.79 -21.90 -13.38
N THR B 508 -35.01 -21.11 -14.11
CA THR B 508 -35.16 -19.66 -14.06
C THR B 508 -36.52 -19.19 -14.60
MG MG C . 18.86 10.97 19.41
MG MG D . 15.80 9.90 15.63
P1 POP E . 18.02 12.34 16.31
O1 POP E . 18.72 13.42 15.51
O2 POP E . 16.66 12.06 15.81
O3 POP E . 18.07 12.69 17.81
O POP E . 18.90 10.98 16.08
P2 POP E . 19.11 9.51 16.39
O4 POP E . 19.95 8.68 15.54
O5 POP E . 19.51 9.49 17.82
O6 POP E . 17.64 9.23 16.19
P AMP F . 13.33 11.10 19.08
O1P AMP F . 12.20 10.26 18.66
O2P AMP F . 14.55 10.93 18.21
O3P AMP F . 13.62 11.07 20.56
O5' AMP F . 12.77 12.61 18.76
C5' AMP F . 13.02 13.91 18.81
C4' AMP F . 13.63 15.01 18.38
O4' AMP F . 13.47 16.45 18.67
C3' AMP F . 14.82 14.86 17.20
O3' AMP F . 14.82 14.30 15.93
C2' AMP F . 15.50 16.33 17.29
O2' AMP F . 15.84 16.86 16.03
C1' AMP F . 14.62 17.11 18.53
N9 AMP F . 15.29 16.84 19.54
C8 AMP F . 14.81 15.87 20.44
N7 AMP F . 15.30 15.91 21.70
C5 AMP F . 16.15 17.01 21.57
C6 AMP F . 16.92 17.67 22.53
N6 AMP F . 17.02 17.13 23.80
N1 AMP F . 17.52 18.83 22.11
C2 AMP F . 17.44 19.28 20.86
N3 AMP F . 16.78 18.70 19.86
C4 AMP F . 16.16 17.59 20.28
PG ATP G . 19.23 9.61 16.50
O1G ATP G . 17.85 9.02 16.47
O2G ATP G . 20.14 8.83 15.63
O3G ATP G . 19.76 9.64 18.00
PB ATP G . 18.04 12.11 16.57
O1B ATP G . 18.56 13.49 16.54
O2B ATP G . 16.77 11.91 15.85
O3B ATP G . 19.11 11.10 15.96
PA ATP G . 16.10 11.02 18.68
O1A ATP G . 15.69 9.79 17.88
O2A ATP G . 16.11 10.61 20.16
O3A ATP G . 17.80 11.68 18.17
O5' ATP G . 14.84 12.00 18.34
C5' ATP G . 13.84 12.67 18.47
C4' ATP G . 13.78 14.05 17.74
O4' ATP G . 13.46 15.14 18.65
C3' ATP G . 15.03 14.51 16.97
O3' ATP G . 14.97 14.37 15.58
C2' ATP G . 15.32 15.91 17.52
O2' ATP G . 15.23 16.89 16.44
C1' ATP G . 14.30 16.28 18.60
N9 ATP G . 14.92 16.39 20.00
C8 ATP G . 14.69 15.51 21.08
N7 ATP G . 15.33 15.79 22.19
C5 ATP G . 16.06 16.95 21.91
C6 ATP G . 16.97 17.76 22.73
N6 ATP G . 17.25 17.53 23.90
N1 ATP G . 17.51 18.86 22.04
C2 ATP G . 17.25 19.22 20.69
N3 ATP G . 16.43 18.50 19.92
C4 ATP G . 15.84 17.35 20.55
MG MG H . -7.66 -4.56 -22.57
MG MG I . -9.86 -5.56 -26.89
PG ATP J . -8.42 -3.07 -25.06
O1G ATP J . -9.44 -3.77 -25.94
O2G ATP J . -8.82 -3.23 -23.62
O3G ATP J . -8.32 -1.53 -25.42
PB ATP J . -6.77 -5.31 -25.65
O1B ATP J . -5.40 -5.70 -26.02
O2B ATP J . -7.97 -5.75 -26.26
O3B ATP J . -6.99 -3.75 -25.27
PA ATP J . -8.89 -6.54 -23.59
O1A ATP J . -10.29 -6.23 -24.51
O2A ATP J . -9.12 -6.27 -22.02
O3A ATP J . -7.39 -5.88 -24.13
O5' ATP J . -8.57 -7.72 -23.69
C5' ATP J . -8.08 -8.72 -22.79
C4' ATP J . -6.71 -9.47 -23.37
O4' ATP J . -6.46 -11.01 -23.33
C3' ATP J . -5.67 -8.91 -24.34
O3' ATP J . -4.84 -8.02 -23.70
C2' ATP J . -5.05 -10.12 -25.10
O2' ATP J . -3.61 -10.07 -24.89
C1' ATP J . -5.92 -11.46 -24.97
N9 ATP J . -7.08 -11.81 -26.00
C8 ATP J . -8.49 -11.81 -25.74
N7 ATP J . -9.26 -12.21 -26.70
C5 ATP J . -8.39 -12.52 -27.74
C6 ATP J . -8.66 -13.03 -29.09
N6 ATP J . -9.80 -13.27 -29.53
N1 ATP J . -7.47 -13.22 -29.85
C2 ATP J . -6.13 -12.97 -29.43
N3 ATP J . -5.86 -12.50 -28.19
C4 ATP J . -7.02 -12.28 -27.35
#